data_3QBX
#
_entry.id   3QBX
#
_cell.length_a   91.480
_cell.length_b   91.480
_cell.length_c   173.330
_cell.angle_alpha   90.00
_cell.angle_beta   90.00
_cell.angle_gamma   120.00
#
_symmetry.space_group_name_H-M   'P 63'
#
loop_
_entity.id
_entity.type
_entity.pdbx_description
1 polymer 'Anhydro-N-acetylmuramic acid kinase'
2 non-polymer '2-(2-ACETYLAMINO-4-HYDROXY-6,8-DIOXA-BICYCLO[3.2.1]OCT-3-YLOXY)-PROPIONIC ACID'
3 non-polymer 'SULFATE ION'
4 water water
#
_entity_poly.entity_id   1
_entity_poly.type   'polypeptide(L)'
_entity_poly.pdbx_seq_one_letter_code
;MPRYLGLMSGTSLDGMDIVLIEQGDRTTLLASHYLPMPAGLREDILALCVPGPDEIARAAEVEQRWVALAAQGVRELLLQ
QQMSPDEVRAIGSHGQTIRHEPARHFTVQIGNPALLAELTGIDVVADFRRRDVAAGGQGAPLVPAFHQALFGDDDTSRAV
LNIGGFSNVSLLSPGKPVRGFDCGPGNVLMDAWIHHQRGEHFDRDGAWAASGQVNHALLASLLADEFFAARGPKSTGRER
FNLPWLQEHLARHPALPAADIQATLLELSARSISESLLDAQPDCEEVLVCGGGAFNTALMKRLAMLMPEARVASTDEYGI
PPAWMEGMAFAWLAHRFLERLPGNCPDVTGALGPRTLGALYPAGSHHHHHH
;
_entity_poly.pdbx_strand_id   A,B
#
loop_
_chem_comp.id
_chem_comp.type
_chem_comp.name
_chem_comp.formula
AH0 non-polymer '2-(2-ACETYLAMINO-4-HYDROXY-6,8-DIOXA-BICYCLO[3.2.1]OCT-3-YLOXY)-PROPIONIC ACID' 'C11 H17 N O7'
SO4 non-polymer 'SULFATE ION' 'O4 S -2'
#
# COMPACT_ATOMS: atom_id res chain seq x y z
N PRO A 2 -3.90 -13.05 -24.38
CA PRO A 2 -3.22 -13.84 -23.37
C PRO A 2 -4.18 -14.32 -22.29
N ARG A 3 -3.66 -15.09 -21.33
CA ARG A 3 -4.47 -15.54 -20.19
C ARG A 3 -4.26 -14.68 -18.94
N TYR A 4 -5.36 -14.41 -18.24
CA TYR A 4 -5.33 -13.61 -17.01
C TYR A 4 -6.09 -14.28 -15.90
N LEU A 5 -5.54 -14.20 -14.69
CA LEU A 5 -6.28 -14.55 -13.49
C LEU A 5 -6.95 -13.32 -12.90
N GLY A 6 -8.18 -13.51 -12.41
CA GLY A 6 -8.91 -12.50 -11.66
C GLY A 6 -9.10 -12.97 -10.22
N LEU A 7 -8.79 -12.09 -9.26
CA LEU A 7 -8.94 -12.43 -7.85
C LEU A 7 -9.82 -11.43 -7.10
N MET A 8 -10.96 -11.90 -6.61
CA MET A 8 -11.93 -11.04 -5.94
C MET A 8 -12.33 -11.66 -4.61
N SER A 9 -12.42 -10.80 -3.60
CA SER A 9 -12.99 -11.17 -2.33
C SER A 9 -13.94 -10.04 -1.94
N GLY A 10 -15.24 -10.34 -1.94
CA GLY A 10 -16.26 -9.31 -1.78
C GLY A 10 -16.73 -9.05 -0.36
N THR A 11 -17.92 -8.45 -0.27
CA THR A 11 -18.54 -8.01 0.99
C THR A 11 -18.94 -9.15 1.95
N SER A 12 -19.43 -10.25 1.39
CA SER A 12 -19.94 -11.37 2.19
C SER A 12 -18.86 -12.07 3.01
N LEU A 13 -17.62 -12.06 2.49
CA LEU A 13 -16.47 -12.64 3.18
C LEU A 13 -16.60 -14.16 3.42
N ASP A 14 -17.36 -14.83 2.57
CA ASP A 14 -17.49 -16.27 2.62
C ASP A 14 -16.23 -16.93 2.06
N GLY A 15 -15.68 -16.31 1.01
CA GLY A 15 -14.43 -16.77 0.43
C GLY A 15 -14.00 -16.01 -0.80
N MET A 16 -12.93 -16.50 -1.41
CA MET A 16 -12.30 -15.85 -2.55
C MET A 16 -12.78 -16.41 -3.87
N ASP A 17 -13.06 -15.50 -4.80
CA ASP A 17 -13.38 -15.88 -6.16
C ASP A 17 -12.09 -15.79 -6.96
N ILE A 18 -11.80 -16.86 -7.68
CA ILE A 18 -10.65 -16.87 -8.58
C ILE A 18 -11.12 -17.34 -9.95
N VAL A 19 -10.63 -16.64 -10.97
CA VAL A 19 -11.10 -16.75 -12.33
C VAL A 19 -9.92 -16.83 -13.29
N LEU A 20 -10.03 -17.71 -14.28
CA LEU A 20 -9.12 -17.69 -15.43
C LEU A 20 -9.91 -17.27 -16.67
N ILE A 21 -9.40 -16.24 -17.36
CA ILE A 21 -10.00 -15.77 -18.61
C ILE A 21 -9.01 -15.82 -19.78
N GLU A 22 -9.57 -16.00 -20.98
CA GLU A 22 -8.84 -15.85 -22.23
C GLU A 22 -9.23 -14.49 -22.81
N GLN A 23 -8.23 -13.65 -23.09
CA GLN A 23 -8.50 -12.30 -23.58
C GLN A 23 -7.78 -12.00 -24.90
N GLY A 24 -8.58 -11.88 -25.96
CA GLY A 24 -8.10 -11.42 -27.25
C GLY A 24 -9.03 -10.32 -27.71
N ASP A 25 -9.76 -10.59 -28.79
CA ASP A 25 -10.81 -9.70 -29.26
C ASP A 25 -11.98 -9.64 -28.27
N ARG A 26 -12.12 -10.71 -27.49
CA ARG A 26 -13.22 -10.83 -26.52
C ARG A 26 -12.77 -11.48 -25.20
N THR A 27 -13.69 -11.56 -24.24
CA THR A 27 -13.43 -12.19 -22.96
C THR A 27 -14.11 -13.55 -22.85
N THR A 28 -13.31 -14.60 -22.63
CA THR A 28 -13.84 -15.95 -22.42
C THR A 28 -13.44 -16.48 -21.04
N LEU A 29 -14.43 -16.87 -20.24
CA LEU A 29 -14.17 -17.53 -18.97
C LEU A 29 -13.68 -18.96 -19.24
N LEU A 30 -12.45 -19.26 -18.82
CA LEU A 30 -11.85 -20.57 -19.02
C LEU A 30 -12.03 -21.46 -17.83
N ALA A 31 -12.04 -20.88 -16.64
CA ALA A 31 -12.12 -21.64 -15.40
C ALA A 31 -12.39 -20.73 -14.20
N SER A 32 -13.01 -21.31 -13.18
CA SER A 32 -13.29 -20.58 -11.95
C SER A 32 -13.05 -21.49 -10.74
N HIS A 33 -12.74 -20.86 -9.61
CA HIS A 33 -12.39 -21.59 -8.40
C HIS A 33 -12.74 -20.75 -7.19
N TYR A 34 -13.49 -21.36 -6.28
CA TYR A 34 -13.87 -20.74 -5.03
C TYR A 34 -13.11 -21.41 -3.90
N LEU A 35 -12.61 -20.59 -2.98
CA LEU A 35 -11.99 -21.10 -1.75
C LEU A 35 -12.62 -20.39 -0.55
N PRO A 36 -13.23 -21.16 0.37
CA PRO A 36 -13.83 -20.58 1.57
C PRO A 36 -12.81 -19.89 2.46
N MET A 37 -13.24 -18.81 3.09
CA MET A 37 -12.44 -18.08 4.05
C MET A 37 -12.77 -18.65 5.44
N PRO A 38 -11.75 -18.95 6.26
CA PRO A 38 -12.02 -19.43 7.62
C PRO A 38 -12.75 -18.36 8.44
N ALA A 39 -13.55 -18.81 9.41
CA ALA A 39 -14.28 -17.93 10.33
C ALA A 39 -13.38 -16.88 10.98
N GLY A 40 -12.21 -17.31 11.46
CA GLY A 40 -11.23 -16.43 12.09
C GLY A 40 -10.84 -15.23 11.22
N LEU A 41 -10.50 -15.50 9.96
CA LEU A 41 -10.07 -14.46 9.01
C LEU A 41 -11.20 -13.52 8.63
N ARG A 42 -12.39 -14.07 8.41
CA ARG A 42 -13.59 -13.27 8.14
C ARG A 42 -13.87 -12.30 9.29
N GLU A 43 -13.89 -12.81 10.51
CA GLU A 43 -14.12 -11.95 11.69
C GLU A 43 -13.02 -10.91 11.88
N ASP A 44 -11.77 -11.27 11.60
CA ASP A 44 -10.64 -10.34 11.71
C ASP A 44 -10.69 -9.24 10.66
N ILE A 45 -11.16 -9.59 9.46
CA ILE A 45 -11.41 -8.58 8.39
C ILE A 45 -12.54 -7.62 8.81
N LEU A 46 -13.64 -8.18 9.32
CA LEU A 46 -14.76 -7.36 9.80
C LEU A 46 -14.36 -6.42 10.92
N ALA A 47 -13.47 -6.88 11.81
CA ALA A 47 -12.95 -6.05 12.89
C ALA A 47 -12.16 -4.85 12.36
N LEU A 48 -11.58 -5.00 11.17
CA LEU A 48 -10.84 -3.89 10.54
C LEU A 48 -11.73 -2.95 9.72
N CYS A 49 -13.01 -3.31 9.55
CA CYS A 49 -13.95 -2.47 8.78
C CYS A 49 -14.55 -1.34 9.59
N VAL A 50 -14.25 -1.29 10.89
CA VAL A 50 -14.60 -0.15 11.76
C VAL A 50 -13.33 0.37 12.43
N PRO A 51 -13.31 1.66 12.86
CA PRO A 51 -12.11 2.17 13.53
C PRO A 51 -11.75 1.36 14.80
N GLY A 52 -10.47 1.11 15.01
CA GLY A 52 -10.03 0.31 16.16
C GLY A 52 -8.57 0.54 16.49
N PRO A 53 -8.07 -0.10 17.57
CA PRO A 53 -6.68 0.05 18.00
C PRO A 53 -5.70 -0.74 17.12
N ASP A 54 -4.46 -0.25 17.05
CA ASP A 54 -3.32 -1.00 16.50
C ASP A 54 -3.60 -1.54 15.07
N GLU A 55 -4.27 -0.73 14.24
CA GLU A 55 -4.74 -1.17 12.92
C GLU A 55 -3.64 -1.47 11.90
N ILE A 56 -2.52 -0.74 11.97
CA ILE A 56 -1.42 -0.94 11.03
C ILE A 56 -0.86 -2.36 11.13
N ALA A 57 -0.45 -2.75 12.35
CA ALA A 57 0.06 -4.10 12.59
C ALA A 57 -1.00 -5.18 12.35
N ARG A 58 -2.23 -4.93 12.81
CA ARG A 58 -3.32 -5.90 12.68
C ARG A 58 -3.64 -6.15 11.21
N ALA A 59 -3.69 -5.08 10.41
CA ALA A 59 -3.93 -5.20 8.99
C ALA A 59 -2.78 -5.90 8.28
N ALA A 60 -1.54 -5.60 8.66
CA ALA A 60 -0.38 -6.27 8.06
C ALA A 60 -0.41 -7.79 8.22
N GLU A 61 -0.84 -8.25 9.40
CA GLU A 61 -0.91 -9.68 9.72
C GLU A 61 -2.12 -10.35 9.05
N VAL A 62 -3.28 -9.71 9.10
CA VAL A 62 -4.48 -10.17 8.37
C VAL A 62 -4.20 -10.35 6.86
N GLU A 63 -3.54 -9.36 6.30
CA GLU A 63 -3.22 -9.29 4.88
C GLU A 63 -2.32 -10.47 4.43
N GLN A 64 -1.42 -10.84 5.30
CA GLN A 64 -0.51 -11.95 5.10
C GLN A 64 -1.26 -13.31 5.01
N ARG A 65 -2.26 -13.50 5.86
CA ARG A 65 -3.12 -14.69 5.82
C ARG A 65 -4.02 -14.69 4.58
N TRP A 66 -4.51 -13.50 4.25
CA TRP A 66 -5.37 -13.30 3.08
C TRP A 66 -4.61 -13.65 1.79
N VAL A 67 -3.39 -13.13 1.66
CA VAL A 67 -2.53 -13.42 0.50
C VAL A 67 -2.14 -14.90 0.43
N ALA A 68 -1.82 -15.50 1.57
CA ALA A 68 -1.42 -16.91 1.61
C ALA A 68 -2.58 -17.78 1.12
N LEU A 69 -3.79 -17.45 1.57
CA LEU A 69 -4.99 -18.14 1.11
C LEU A 69 -5.22 -17.94 -0.39
N ALA A 70 -5.02 -16.74 -0.90
CA ALA A 70 -5.19 -16.45 -2.34
C ALA A 70 -4.17 -17.22 -3.19
N ALA A 71 -2.91 -17.22 -2.77
CA ALA A 71 -1.86 -17.96 -3.46
C ALA A 71 -2.21 -19.45 -3.50
N GLN A 72 -2.69 -19.96 -2.37
CA GLN A 72 -3.15 -21.35 -2.26
C GLN A 72 -4.26 -21.65 -3.27
N GLY A 73 -5.19 -20.70 -3.42
CA GLY A 73 -6.30 -20.85 -4.36
C GLY A 73 -5.88 -20.77 -5.81
N VAL A 74 -4.90 -19.92 -6.11
CA VAL A 74 -4.32 -19.84 -7.45
C VAL A 74 -3.60 -21.16 -7.79
N ARG A 75 -2.83 -21.70 -6.85
CA ARG A 75 -2.13 -22.98 -7.04
C ARG A 75 -3.12 -24.09 -7.38
N GLU A 76 -4.22 -24.14 -6.63
CA GLU A 76 -5.26 -25.15 -6.79
C GLU A 76 -5.92 -25.04 -8.16
N LEU A 77 -6.29 -23.83 -8.57
CA LEU A 77 -6.91 -23.61 -9.88
C LEU A 77 -6.01 -24.13 -11.00
N LEU A 78 -4.75 -23.71 -10.99
CA LEU A 78 -3.81 -24.02 -12.07
C LEU A 78 -3.51 -25.52 -12.18
N LEU A 79 -3.39 -26.19 -11.04
CA LEU A 79 -3.18 -27.65 -11.01
C LEU A 79 -4.39 -28.37 -11.59
N GLN A 80 -5.58 -27.95 -11.16
CA GLN A 80 -6.85 -28.55 -11.59
C GLN A 80 -7.14 -28.29 -13.07
N GLN A 81 -6.52 -27.26 -13.63
CA GLN A 81 -6.69 -26.89 -15.04
C GLN A 81 -5.52 -27.36 -15.88
N GLN A 82 -4.55 -28.01 -15.24
CA GLN A 82 -3.34 -28.54 -15.89
C GLN A 82 -2.48 -27.50 -16.61
N MET A 83 -2.27 -26.36 -15.96
CA MET A 83 -1.40 -25.34 -16.53
C MET A 83 -0.44 -24.77 -15.50
N SER A 84 0.71 -24.32 -15.99
CA SER A 84 1.75 -23.79 -15.12
C SER A 84 1.57 -22.27 -14.98
N PRO A 85 2.10 -21.69 -13.89
CA PRO A 85 2.07 -20.24 -13.66
C PRO A 85 2.59 -19.41 -14.87
N ASP A 86 3.51 -19.97 -15.65
CA ASP A 86 4.10 -19.26 -16.79
C ASP A 86 3.13 -19.00 -17.95
N GLU A 87 2.01 -19.72 -17.97
CA GLU A 87 1.02 -19.58 -19.03
C GLU A 87 0.06 -18.42 -18.77
N VAL A 88 0.16 -17.83 -17.58
CA VAL A 88 -0.68 -16.71 -17.19
C VAL A 88 0.14 -15.42 -17.25
N ARG A 89 -0.36 -14.43 -17.98
CA ARG A 89 0.34 -13.15 -18.11
C ARG A 89 0.32 -12.31 -16.81
N ALA A 90 -0.83 -12.23 -16.14
CA ALA A 90 -0.95 -11.49 -14.88
C ALA A 90 -2.19 -11.86 -14.06
N ILE A 91 -2.13 -11.58 -12.76
CA ILE A 91 -3.27 -11.67 -11.86
C ILE A 91 -3.78 -10.26 -11.59
N GLY A 92 -5.07 -10.04 -11.89
CA GLY A 92 -5.77 -8.85 -11.48
C GLY A 92 -6.39 -9.09 -10.11
N SER A 93 -5.83 -8.43 -9.10
CA SER A 93 -6.27 -8.60 -7.73
C SER A 93 -6.94 -7.34 -7.15
N HIS A 94 -8.22 -7.44 -6.79
CA HIS A 94 -8.88 -6.33 -6.09
C HIS A 94 -8.31 -6.10 -4.69
N GLY A 95 -7.92 -7.18 -4.05
CA GLY A 95 -7.62 -7.16 -2.63
C GLY A 95 -8.90 -7.20 -1.83
N GLN A 96 -8.87 -6.60 -0.64
CA GLN A 96 -10.00 -6.65 0.27
C GLN A 96 -10.26 -5.28 0.86
N THR A 97 -11.44 -4.74 0.55
CA THR A 97 -11.87 -3.44 1.10
C THR A 97 -12.08 -3.55 2.60
N ILE A 98 -11.34 -2.77 3.38
CA ILE A 98 -11.61 -2.67 4.81
C ILE A 98 -12.13 -1.29 5.20
N ARG A 99 -12.06 -0.33 4.27
CA ARG A 99 -12.58 1.01 4.51
C ARG A 99 -12.79 1.70 3.14
N HIS A 100 -13.94 2.34 2.99
CA HIS A 100 -14.25 3.10 1.79
C HIS A 100 -14.84 4.45 2.16
N GLU A 101 -14.04 5.50 2.01
CA GLU A 101 -14.46 6.85 2.42
C GLU A 101 -14.24 7.85 1.27
N PRO A 102 -14.93 7.67 0.14
CA PRO A 102 -14.67 8.55 -1.00
C PRO A 102 -14.84 10.04 -0.65
N ALA A 103 -15.73 10.36 0.29
CA ALA A 103 -15.91 11.73 0.77
C ALA A 103 -14.70 12.30 1.53
N ARG A 104 -13.91 11.42 2.13
CA ARG A 104 -12.61 11.83 2.70
C ARG A 104 -11.45 11.55 1.74
N HIS A 105 -11.78 11.30 0.48
CA HIS A 105 -10.78 11.07 -0.59
C HIS A 105 -9.85 9.89 -0.34
N PHE A 106 -10.37 8.80 0.23
CA PHE A 106 -9.57 7.59 0.38
C PHE A 106 -10.40 6.30 0.37
N THR A 107 -9.76 5.23 -0.10
CA THR A 107 -10.34 3.89 -0.06
C THR A 107 -9.22 2.88 0.21
N VAL A 108 -9.50 1.91 1.08
CA VAL A 108 -8.45 1.01 1.57
C VAL A 108 -8.72 -0.47 1.22
N GLN A 109 -7.98 -0.97 0.24
CA GLN A 109 -7.97 -2.37 -0.12
C GLN A 109 -6.65 -2.97 0.34
N ILE A 110 -6.71 -4.01 1.16
CA ILE A 110 -5.48 -4.67 1.60
C ILE A 110 -5.29 -5.95 0.80
N GLY A 111 -4.11 -6.57 0.93
CA GLY A 111 -3.75 -7.76 0.17
C GLY A 111 -2.38 -7.78 -0.51
N ASN A 112 -1.40 -7.28 0.22
CA ASN A 112 0.05 -7.27 -0.12
C ASN A 112 0.41 -7.89 -1.47
N PRO A 113 0.26 -7.10 -2.55
CA PRO A 113 0.50 -7.60 -3.93
C PRO A 113 1.91 -8.12 -4.19
N ALA A 114 2.90 -7.54 -3.52
CA ALA A 114 4.28 -8.01 -3.64
C ALA A 114 4.44 -9.43 -3.09
N LEU A 115 3.78 -9.72 -1.97
CA LEU A 115 3.76 -11.07 -1.43
C LEU A 115 2.99 -12.00 -2.36
N LEU A 116 1.91 -11.48 -2.96
CA LEU A 116 1.13 -12.27 -3.91
C LEU A 116 1.96 -12.70 -5.13
N ALA A 117 2.76 -11.80 -5.70
CA ALA A 117 3.63 -12.13 -6.82
C ALA A 117 4.73 -13.11 -6.41
N GLU A 118 5.30 -12.87 -5.22
CA GLU A 118 6.30 -13.75 -4.63
C GLU A 118 5.78 -15.19 -4.49
N LEU A 119 4.56 -15.34 -3.95
CA LEU A 119 4.00 -16.69 -3.71
C LEU A 119 3.48 -17.37 -4.98
N THR A 120 2.87 -16.59 -5.89
CA THR A 120 2.31 -17.16 -7.13
C THR A 120 3.33 -17.35 -8.24
N GLY A 121 4.37 -16.52 -8.26
CA GLY A 121 5.34 -16.52 -9.36
C GLY A 121 4.77 -15.87 -10.61
N ILE A 122 3.59 -15.24 -10.47
CA ILE A 122 2.94 -14.50 -11.56
C ILE A 122 2.91 -13.00 -11.24
N ASP A 123 3.11 -12.17 -12.26
CA ASP A 123 2.90 -10.71 -12.16
C ASP A 123 1.52 -10.38 -11.61
N VAL A 124 1.48 -9.38 -10.72
CA VAL A 124 0.24 -8.96 -10.08
C VAL A 124 -0.10 -7.50 -10.39
N VAL A 125 -1.32 -7.26 -10.90
CA VAL A 125 -1.86 -5.91 -11.01
C VAL A 125 -2.91 -5.75 -9.91
N ALA A 126 -2.75 -4.72 -9.08
CA ALA A 126 -3.62 -4.56 -7.92
C ALA A 126 -3.91 -3.09 -7.61
N ASP A 127 -4.67 -2.86 -6.54
CA ASP A 127 -4.93 -1.52 -6.05
C ASP A 127 -5.58 -0.64 -7.14
N PHE A 128 -6.70 -1.10 -7.69
CA PHE A 128 -7.33 -0.48 -8.85
C PHE A 128 -8.11 0.80 -8.52
N ARG A 129 -8.59 0.93 -7.28
CA ARG A 129 -9.52 2.00 -6.91
C ARG A 129 -8.87 3.35 -6.61
N ARG A 130 -7.61 3.32 -6.20
CA ARG A 130 -6.91 4.49 -5.65
C ARG A 130 -6.67 5.62 -6.66
N ARG A 131 -6.28 5.26 -7.88
CA ARG A 131 -6.04 6.27 -8.90
C ARG A 131 -7.33 7.03 -9.27
N ASP A 132 -8.46 6.34 -9.26
CA ASP A 132 -9.76 6.98 -9.52
C ASP A 132 -10.16 7.94 -8.40
N VAL A 133 -9.95 7.52 -7.15
CA VAL A 133 -10.18 8.39 -6.00
C VAL A 133 -9.25 9.60 -6.06
N ALA A 134 -7.98 9.36 -6.43
CA ALA A 134 -6.96 10.39 -6.60
C ALA A 134 -7.34 11.41 -7.68
N ALA A 135 -8.09 10.96 -8.68
CA ALA A 135 -8.58 11.83 -9.75
C ALA A 135 -9.94 12.46 -9.42
N GLY A 136 -10.37 12.36 -8.15
CA GLY A 136 -11.60 13.00 -7.67
C GLY A 136 -12.85 12.11 -7.68
N GLY A 137 -12.66 10.85 -8.08
CA GLY A 137 -13.76 9.94 -8.24
C GLY A 137 -14.13 9.18 -6.98
N GLN A 138 -15.20 8.39 -7.10
CA GLN A 138 -15.70 7.55 -6.02
C GLN A 138 -14.84 6.29 -5.79
N GLY A 139 -14.06 5.90 -6.80
CA GLY A 139 -13.32 4.63 -6.76
C GLY A 139 -14.19 3.38 -6.90
N ALA A 140 -15.51 3.57 -7.00
CA ALA A 140 -16.49 2.49 -7.14
C ALA A 140 -17.76 3.04 -7.79
N PRO A 141 -18.51 2.18 -8.53
CA PRO A 141 -18.15 0.80 -8.95
C PRO A 141 -17.16 0.80 -10.10
N LEU A 142 -16.39 -0.28 -10.22
CA LEU A 142 -15.36 -0.40 -11.25
C LEU A 142 -15.71 -1.37 -12.38
N VAL A 143 -16.74 -2.18 -12.19
CA VAL A 143 -17.18 -3.08 -13.27
C VAL A 143 -17.73 -2.42 -14.57
N PRO A 144 -18.31 -1.20 -14.50
CA PRO A 144 -18.95 -0.60 -15.69
C PRO A 144 -18.20 -0.72 -17.02
N ALA A 145 -16.92 -0.35 -17.04
CA ALA A 145 -16.11 -0.49 -18.27
C ALA A 145 -16.09 -1.93 -18.79
N PHE A 146 -16.12 -2.90 -17.88
CA PHE A 146 -16.10 -4.31 -18.26
C PHE A 146 -17.47 -4.70 -18.78
N HIS A 147 -18.51 -4.34 -18.02
CA HIS A 147 -19.89 -4.52 -18.46
C HIS A 147 -20.13 -3.92 -19.85
N GLN A 148 -19.47 -2.80 -20.13
CA GLN A 148 -19.57 -2.14 -21.42
C GLN A 148 -18.86 -2.97 -22.51
N ALA A 149 -17.67 -3.49 -22.18
CA ALA A 149 -16.95 -4.36 -23.11
C ALA A 149 -17.73 -5.62 -23.49
N LEU A 150 -18.55 -6.12 -22.57
CA LEU A 150 -19.31 -7.35 -22.75
C LEU A 150 -20.67 -7.14 -23.40
N PHE A 151 -21.37 -6.08 -23.00
CA PHE A 151 -22.79 -5.94 -23.28
C PHE A 151 -23.20 -4.64 -23.98
N GLY A 152 -22.23 -3.83 -24.37
CA GLY A 152 -22.50 -2.58 -25.08
C GLY A 152 -23.15 -2.81 -26.44
N SER A 157 -31.12 0.07 -25.10
CA SER A 157 -30.56 0.52 -23.83
C SER A 157 -30.76 -0.55 -22.75
N ARG A 158 -29.68 -0.83 -22.03
CA ARG A 158 -29.70 -1.90 -21.03
C ARG A 158 -28.93 -1.53 -19.77
N ALA A 159 -29.38 -2.07 -18.64
CA ALA A 159 -28.70 -1.90 -17.38
C ALA A 159 -28.09 -3.23 -16.98
N VAL A 160 -26.83 -3.20 -16.55
CA VAL A 160 -26.18 -4.41 -16.05
C VAL A 160 -26.05 -4.23 -14.55
N LEU A 161 -26.79 -5.05 -13.81
CA LEU A 161 -26.95 -4.91 -12.36
C LEU A 161 -26.29 -6.04 -11.56
N ASN A 162 -25.33 -5.65 -10.70
CA ASN A 162 -24.74 -6.58 -9.73
C ASN A 162 -25.48 -6.53 -8.40
N ILE A 163 -25.96 -7.70 -7.95
CA ILE A 163 -26.50 -7.80 -6.61
C ILE A 163 -25.57 -8.72 -5.80
N GLY A 164 -24.66 -8.09 -5.06
CA GLY A 164 -23.81 -8.79 -4.10
C GLY A 164 -24.25 -8.38 -2.72
N GLY A 165 -23.31 -8.27 -1.79
CA GLY A 165 -23.58 -7.69 -0.47
C GLY A 165 -24.15 -6.30 -0.68
N PHE A 166 -23.54 -5.56 -1.60
CA PHE A 166 -24.06 -4.28 -2.06
C PHE A 166 -24.44 -4.35 -3.53
N SER A 167 -25.44 -3.55 -3.92
CA SER A 167 -25.92 -3.49 -5.31
C SER A 167 -25.26 -2.35 -6.06
N ASN A 168 -24.96 -2.59 -7.33
CA ASN A 168 -24.49 -1.52 -8.23
C ASN A 168 -24.93 -1.76 -9.66
N VAL A 169 -25.09 -0.68 -10.42
CA VAL A 169 -25.61 -0.77 -11.78
C VAL A 169 -24.74 -0.06 -12.80
N SER A 170 -24.67 -0.64 -13.99
CA SER A 170 -24.00 -0.02 -15.13
C SER A 170 -25.04 0.28 -16.22
N LEU A 171 -25.18 1.56 -16.55
CA LEU A 171 -26.22 2.00 -17.51
C LEU A 171 -25.62 2.24 -18.87
N LEU A 172 -25.95 1.34 -19.80
CA LEU A 172 -25.33 1.31 -21.13
C LEU A 172 -26.32 1.88 -22.15
N SER A 173 -26.30 3.20 -22.29
CA SER A 173 -27.18 3.90 -23.21
C SER A 173 -26.43 4.20 -24.50
N PRO A 174 -27.01 3.81 -25.66
CA PRO A 174 -26.34 3.95 -26.95
C PRO A 174 -25.98 5.42 -27.23
N GLY A 175 -24.80 5.63 -27.81
CA GLY A 175 -24.31 6.96 -28.17
C GLY A 175 -23.95 7.88 -27.01
N LYS A 176 -24.21 7.44 -25.77
CA LYS A 176 -23.93 8.23 -24.57
C LYS A 176 -22.87 7.56 -23.69
N PRO A 177 -22.08 8.36 -22.94
CA PRO A 177 -21.10 7.82 -21.99
C PRO A 177 -21.71 6.89 -20.95
N VAL A 178 -20.93 5.86 -20.56
CA VAL A 178 -21.35 4.88 -19.57
C VAL A 178 -21.56 5.56 -18.25
N ARG A 179 -22.67 5.23 -17.59
CA ARG A 179 -22.98 5.76 -16.28
C ARG A 179 -23.20 4.61 -15.30
N GLY A 180 -23.35 4.94 -14.02
CA GLY A 180 -23.49 3.91 -12.99
C GLY A 180 -23.07 4.35 -11.61
N PHE A 181 -23.40 3.52 -10.61
CA PHE A 181 -23.28 3.87 -9.20
C PHE A 181 -23.65 2.65 -8.35
N ASP A 182 -23.42 2.73 -7.04
CA ASP A 182 -24.01 1.78 -6.09
C ASP A 182 -25.46 2.20 -5.85
N CYS A 183 -26.37 1.23 -5.76
CA CYS A 183 -27.80 1.55 -5.48
C CYS A 183 -28.07 1.51 -3.99
N GLY A 184 -27.24 0.76 -3.28
CA GLY A 184 -27.44 0.54 -1.85
C GLY A 184 -27.23 -0.92 -1.50
N PRO A 185 -27.81 -1.36 -0.37
CA PRO A 185 -27.60 -2.73 0.10
C PRO A 185 -28.24 -3.74 -0.84
N GLY A 186 -27.51 -4.82 -1.13
CA GLY A 186 -28.04 -5.92 -1.92
C GLY A 186 -28.47 -7.00 -0.96
N ASN A 187 -27.55 -7.92 -0.68
CA ASN A 187 -27.78 -9.01 0.27
C ASN A 187 -27.28 -8.72 1.69
N VAL A 188 -26.46 -7.68 1.84
CA VAL A 188 -25.77 -7.43 3.11
C VAL A 188 -26.70 -7.40 4.35
N LEU A 189 -27.83 -6.70 4.24
CA LEU A 189 -28.73 -6.56 5.39
C LEU A 189 -29.57 -7.81 5.64
N MET A 190 -30.09 -8.41 4.56
CA MET A 190 -30.81 -9.67 4.66
C MET A 190 -29.94 -10.80 5.23
N ASP A 191 -28.67 -10.84 4.84
CA ASP A 191 -27.71 -11.80 5.40
C ASP A 191 -27.49 -11.54 6.89
N ALA A 192 -27.26 -10.27 7.23
CA ALA A 192 -26.98 -9.89 8.62
C ALA A 192 -28.16 -10.15 9.54
N TRP A 193 -29.37 -9.90 9.06
CA TRP A 193 -30.59 -10.14 9.83
C TRP A 193 -30.86 -11.63 10.10
N ILE A 194 -30.75 -12.46 9.06
CA ILE A 194 -30.98 -13.91 9.22
C ILE A 194 -29.86 -14.61 10.01
N HIS A 195 -28.65 -14.05 9.91
CA HIS A 195 -27.53 -14.60 10.67
C HIS A 195 -27.67 -14.23 12.15
N HIS A 196 -28.20 -13.05 12.43
CA HIS A 196 -28.41 -12.59 13.79
C HIS A 196 -29.55 -13.35 14.47
N GLN A 197 -30.63 -13.59 13.74
CA GLN A 197 -31.82 -14.22 14.30
C GLN A 197 -31.74 -15.74 14.27
N ARG A 198 -31.35 -16.31 13.13
CA ARG A 198 -31.45 -17.76 12.93
C ARG A 198 -30.10 -18.48 12.75
N GLY A 199 -29.01 -17.72 12.73
CA GLY A 199 -27.68 -18.32 12.69
C GLY A 199 -27.21 -18.76 11.31
N GLU A 200 -28.06 -18.58 10.30
CA GLU A 200 -27.70 -18.95 8.93
C GLU A 200 -27.05 -17.79 8.17
N HIS A 201 -26.10 -18.10 7.29
CA HIS A 201 -25.31 -17.08 6.59
C HIS A 201 -26.08 -16.27 5.54
N PHE A 202 -27.05 -16.91 4.89
CA PHE A 202 -27.92 -16.25 3.90
C PHE A 202 -29.33 -16.84 3.90
N ASP A 203 -30.25 -16.12 3.25
CA ASP A 203 -31.65 -16.52 3.16
C ASP A 203 -31.88 -17.23 1.83
N ARG A 204 -31.80 -18.55 1.86
CA ARG A 204 -31.88 -19.42 0.67
C ARG A 204 -33.11 -19.13 -0.19
N ASP A 205 -32.88 -18.66 -1.42
CA ASP A 205 -33.94 -18.32 -2.39
C ASP A 205 -34.88 -17.17 -1.95
N GLY A 206 -34.51 -16.49 -0.86
CA GLY A 206 -35.34 -15.44 -0.28
C GLY A 206 -36.60 -15.99 0.40
N ALA A 207 -36.51 -17.25 0.84
CA ALA A 207 -37.67 -17.97 1.38
C ALA A 207 -38.17 -17.44 2.72
N TRP A 208 -37.25 -17.14 3.65
CA TRP A 208 -37.65 -16.54 4.92
C TRP A 208 -38.31 -15.18 4.70
N ALA A 209 -37.74 -14.41 3.77
CA ALA A 209 -38.33 -13.13 3.35
C ALA A 209 -39.73 -13.30 2.74
N ALA A 210 -39.88 -14.35 1.93
CA ALA A 210 -41.15 -14.61 1.25
C ALA A 210 -42.22 -15.10 2.23
N SER A 211 -41.77 -15.55 3.40
CA SER A 211 -42.69 -16.01 4.44
C SER A 211 -43.22 -14.88 5.34
N GLY A 212 -42.65 -13.68 5.21
CA GLY A 212 -43.07 -12.54 6.03
C GLY A 212 -43.86 -11.49 5.26
N GLN A 213 -44.31 -10.46 5.96
CA GLN A 213 -45.05 -9.36 5.35
C GLN A 213 -44.22 -8.08 5.37
N VAL A 214 -44.09 -7.44 4.21
CA VAL A 214 -43.48 -6.12 4.13
C VAL A 214 -44.20 -5.14 5.07
N ASN A 215 -43.41 -4.45 5.90
CA ASN A 215 -43.94 -3.38 6.75
C ASN A 215 -43.69 -2.03 6.08
N HIS A 216 -44.79 -1.38 5.64
CA HIS A 216 -44.73 -0.12 4.91
CA HIS A 216 -44.73 -0.12 4.91
C HIS A 216 -44.02 0.99 5.68
N ALA A 217 -44.30 1.07 6.98
CA ALA A 217 -43.75 2.13 7.83
C ALA A 217 -42.22 2.05 7.92
N LEU A 218 -41.70 0.87 8.22
CA LEU A 218 -40.27 0.61 8.24
C LEU A 218 -39.64 0.84 6.87
N LEU A 219 -40.29 0.33 5.82
CA LEU A 219 -39.78 0.48 4.45
C LEU A 219 -39.54 1.93 4.07
N ALA A 220 -40.54 2.78 4.35
CA ALA A 220 -40.48 4.19 4.02
C ALA A 220 -39.34 4.90 4.75
N SER A 221 -39.19 4.60 6.04
CA SER A 221 -38.15 5.20 6.86
C SER A 221 -36.74 4.76 6.47
N LEU A 222 -36.62 3.53 5.95
CA LEU A 222 -35.33 3.02 5.48
C LEU A 222 -34.98 3.64 4.11
N LEU A 223 -35.99 3.82 3.26
CA LEU A 223 -35.82 4.50 1.98
C LEU A 223 -35.63 6.02 2.13
N ALA A 224 -35.90 6.53 3.32
CA ALA A 224 -35.67 7.94 3.64
C ALA A 224 -34.19 8.28 3.88
N ASP A 225 -33.31 7.27 3.86
CA ASP A 225 -31.89 7.52 4.09
C ASP A 225 -31.36 8.38 2.96
N GLU A 226 -30.59 9.41 3.31
CA GLU A 226 -30.12 10.41 2.34
C GLU A 226 -29.42 9.80 1.13
N PHE A 227 -28.84 8.61 1.28
CA PHE A 227 -28.10 7.99 0.18
C PHE A 227 -28.99 7.62 -0.98
N PHE A 228 -30.21 7.18 -0.67
CA PHE A 228 -31.16 6.76 -1.70
C PHE A 228 -31.68 7.94 -2.51
N ALA A 229 -31.62 9.13 -1.91
CA ALA A 229 -32.11 10.35 -2.58
C ALA A 229 -31.07 10.93 -3.53
N ALA A 230 -29.79 10.68 -3.28
CA ALA A 230 -28.72 11.26 -4.10
C ALA A 230 -28.69 10.61 -5.49
N ARG A 231 -28.17 11.35 -6.47
CA ARG A 231 -28.17 10.94 -7.86
C ARG A 231 -26.82 11.24 -8.50
N GLY A 232 -26.57 10.64 -9.65
CA GLY A 232 -25.24 10.71 -10.27
C GLY A 232 -24.28 9.82 -9.51
N PRO A 233 -22.96 10.00 -9.74
CA PRO A 233 -21.93 9.20 -9.05
C PRO A 233 -22.13 9.10 -7.55
N LYS A 234 -22.17 7.87 -7.05
CA LYS A 234 -22.25 7.61 -5.60
C LYS A 234 -21.86 6.16 -5.29
N SER A 235 -21.15 5.98 -4.19
CA SER A 235 -20.71 4.66 -3.76
C SER A 235 -20.97 4.56 -2.28
N THR A 236 -21.07 3.33 -1.77
CA THR A 236 -21.36 3.11 -0.37
C THR A 236 -20.63 1.87 0.17
N GLY A 237 -21.01 1.42 1.37
CA GLY A 237 -20.34 0.28 2.00
C GLY A 237 -20.83 0.04 3.41
N ARG A 238 -20.04 -0.69 4.21
CA ARG A 238 -20.43 -1.12 5.56
C ARG A 238 -20.53 0.06 6.51
N GLU A 239 -19.88 1.15 6.16
CA GLU A 239 -19.91 2.39 6.94
C GLU A 239 -21.34 2.95 7.07
N ARG A 240 -22.14 2.85 6.01
CA ARG A 240 -23.52 3.32 6.03
C ARG A 240 -24.52 2.22 6.39
N PHE A 241 -24.55 1.17 5.58
CA PHE A 241 -25.53 0.10 5.74
C PHE A 241 -24.95 -1.09 6.51
N ASN A 242 -25.48 -1.29 7.72
CA ASN A 242 -25.03 -2.32 8.64
C ASN A 242 -26.17 -2.66 9.60
N LEU A 243 -25.92 -3.60 10.50
CA LEU A 243 -26.94 -4.04 11.45
C LEU A 243 -27.29 -2.99 12.53
N PRO A 244 -26.28 -2.28 13.09
CA PRO A 244 -26.66 -1.18 14.00
C PRO A 244 -27.52 -0.10 13.32
N TRP A 245 -27.26 0.18 12.05
CA TRP A 245 -28.08 1.10 11.27
C TRP A 245 -29.55 0.67 11.22
N LEU A 246 -29.78 -0.60 10.91
CA LEU A 246 -31.14 -1.15 10.85
C LEU A 246 -31.85 -1.07 12.20
N GLN A 247 -31.12 -1.44 13.27
CA GLN A 247 -31.70 -1.52 14.62
C GLN A 247 -32.06 -0.16 15.23
N GLU A 248 -31.43 0.91 14.73
CA GLU A 248 -31.77 2.27 15.10
C GLU A 248 -33.14 2.65 14.56
N HIS A 249 -33.43 2.26 13.32
CA HIS A 249 -34.75 2.42 12.72
C HIS A 249 -35.80 1.53 13.42
N LEU A 250 -35.35 0.40 13.94
CA LEU A 250 -36.23 -0.53 14.66
C LEU A 250 -36.52 -0.05 16.08
N LEU A 256 -41.60 -5.94 16.21
CA LEU A 256 -42.06 -6.43 14.92
C LEU A 256 -41.56 -7.86 14.70
N PRO A 257 -42.37 -8.71 14.02
CA PRO A 257 -41.92 -10.08 13.72
C PRO A 257 -40.69 -10.11 12.82
N ALA A 258 -39.73 -10.95 13.20
CA ALA A 258 -38.42 -11.03 12.52
C ALA A 258 -38.51 -11.28 11.01
N ALA A 259 -39.42 -12.15 10.60
CA ALA A 259 -39.65 -12.46 9.18
C ALA A 259 -40.21 -11.27 8.39
N ASP A 260 -40.91 -10.39 9.09
CA ASP A 260 -41.48 -9.17 8.48
C ASP A 260 -40.39 -8.14 8.24
N ILE A 261 -39.42 -8.07 9.15
CA ILE A 261 -38.25 -7.23 8.96
C ILE A 261 -37.47 -7.73 7.74
N GLN A 262 -37.32 -9.05 7.65
CA GLN A 262 -36.67 -9.69 6.50
C GLN A 262 -37.38 -9.32 5.19
N ALA A 263 -38.70 -9.49 5.17
CA ALA A 263 -39.50 -9.13 3.99
C ALA A 263 -39.30 -7.67 3.56
N THR A 264 -39.25 -6.78 4.55
CA THR A 264 -39.06 -5.36 4.31
C THR A 264 -37.70 -5.11 3.69
N LEU A 265 -36.67 -5.74 4.24
CA LEU A 265 -35.30 -5.63 3.75
C LEU A 265 -35.15 -6.08 2.30
N LEU A 266 -35.90 -7.12 1.91
CA LEU A 266 -35.88 -7.56 0.52
C LEU A 266 -36.47 -6.46 -0.39
N GLU A 267 -37.54 -5.83 0.10
CA GLU A 267 -38.23 -4.78 -0.64
C GLU A 267 -37.36 -3.53 -0.74
N LEU A 268 -36.65 -3.21 0.34
CA LEU A 268 -35.68 -2.11 0.35
C LEU A 268 -34.68 -2.25 -0.80
N SER A 269 -34.14 -3.45 -0.96
CA SER A 269 -33.20 -3.74 -2.05
C SER A 269 -33.86 -3.64 -3.43
N ALA A 270 -35.06 -4.22 -3.56
CA ALA A 270 -35.83 -4.17 -4.80
C ALA A 270 -36.16 -2.72 -5.20
N ARG A 271 -36.69 -1.95 -4.25
CA ARG A 271 -37.14 -0.58 -4.47
C ARG A 271 -35.99 0.38 -4.75
N SER A 272 -34.93 0.30 -3.95
CA SER A 272 -33.79 1.18 -4.10
C SER A 272 -33.10 0.95 -5.44
N ILE A 273 -33.03 -0.32 -5.87
CA ILE A 273 -32.47 -0.65 -7.16
C ILE A 273 -33.36 -0.10 -8.29
N SER A 274 -34.65 -0.43 -8.21
CA SER A 274 -35.62 -0.04 -9.24
C SER A 274 -35.70 1.47 -9.44
N GLU A 275 -35.93 2.19 -8.35
CA GLU A 275 -36.08 3.65 -8.37
C GLU A 275 -34.82 4.39 -8.83
N SER A 276 -33.65 3.93 -8.38
CA SER A 276 -32.38 4.57 -8.80
C SER A 276 -32.03 4.23 -10.25
N LEU A 277 -32.35 3.01 -10.67
CA LEU A 277 -32.10 2.59 -12.04
C LEU A 277 -33.02 3.36 -13.00
N LEU A 278 -34.32 3.38 -12.68
CA LEU A 278 -35.32 4.00 -13.54
C LEU A 278 -35.19 5.52 -13.59
N ASP A 279 -34.72 6.11 -12.49
CA ASP A 279 -34.39 7.55 -12.45
C ASP A 279 -33.29 7.93 -13.43
N ALA A 280 -32.32 7.03 -13.62
CA ALA A 280 -31.18 7.32 -14.49
C ALA A 280 -31.37 6.84 -15.92
N GLN A 281 -32.08 5.73 -16.10
CA GLN A 281 -32.33 5.18 -17.43
C GLN A 281 -33.79 4.77 -17.58
N PRO A 282 -34.70 5.76 -17.72
CA PRO A 282 -36.14 5.42 -17.83
C PRO A 282 -36.47 4.58 -19.08
N ASP A 283 -35.68 4.73 -20.14
CA ASP A 283 -35.91 4.00 -21.38
C ASP A 283 -35.35 2.56 -21.37
N CYS A 284 -34.96 2.09 -20.18
CA CYS A 284 -34.36 0.77 -19.99
C CYS A 284 -35.24 -0.36 -20.51
N GLU A 285 -34.66 -1.22 -21.35
CA GLU A 285 -35.39 -2.31 -21.98
C GLU A 285 -34.97 -3.69 -21.47
N GLU A 286 -33.72 -3.77 -21.01
CA GLU A 286 -33.14 -5.01 -20.50
C GLU A 286 -32.31 -4.77 -19.24
N VAL A 287 -32.54 -5.57 -18.21
CA VAL A 287 -31.74 -5.53 -16.98
C VAL A 287 -31.05 -6.89 -16.82
N LEU A 288 -29.73 -6.91 -16.99
CA LEU A 288 -28.93 -8.14 -16.92
C LEU A 288 -28.29 -8.25 -15.55
N VAL A 289 -28.70 -9.27 -14.81
CA VAL A 289 -28.39 -9.36 -13.38
C VAL A 289 -27.26 -10.35 -13.11
N CYS A 290 -26.23 -9.88 -12.42
CA CYS A 290 -25.15 -10.72 -11.91
C CYS A 290 -25.02 -10.61 -10.38
N GLY A 291 -24.06 -11.35 -9.82
CA GLY A 291 -23.90 -11.47 -8.39
C GLY A 291 -24.83 -12.53 -7.84
N GLY A 292 -24.65 -12.89 -6.57
CA GLY A 292 -25.51 -13.87 -5.89
C GLY A 292 -27.00 -13.54 -5.94
N GLY A 293 -27.35 -12.26 -5.96
CA GLY A 293 -28.75 -11.82 -5.97
C GLY A 293 -29.55 -12.31 -7.16
N ALA A 294 -28.84 -12.67 -8.24
CA ALA A 294 -29.45 -13.16 -9.48
C ALA A 294 -30.21 -14.48 -9.32
N PHE A 295 -29.89 -15.23 -8.26
CA PHE A 295 -30.56 -16.50 -7.96
C PHE A 295 -31.49 -16.37 -6.76
N ASN A 296 -31.70 -15.15 -6.27
CA ASN A 296 -32.74 -14.89 -5.28
C ASN A 296 -34.07 -14.70 -6.02
N THR A 297 -34.85 -15.79 -6.06
CA THR A 297 -36.12 -15.87 -6.80
C THR A 297 -37.08 -14.73 -6.48
N ALA A 298 -37.37 -14.56 -5.19
CA ALA A 298 -38.29 -13.51 -4.73
C ALA A 298 -37.83 -12.09 -5.10
N LEU A 299 -36.51 -11.87 -5.09
CA LEU A 299 -35.96 -10.58 -5.50
C LEU A 299 -36.03 -10.38 -7.02
N MET A 300 -35.69 -11.42 -7.78
CA MET A 300 -35.74 -11.35 -9.24
C MET A 300 -37.17 -11.17 -9.75
N LYS A 301 -38.15 -11.65 -8.96
CA LYS A 301 -39.56 -11.45 -9.26
C LYS A 301 -39.98 -10.01 -8.92
N ARG A 302 -39.58 -9.52 -7.73
CA ARG A 302 -39.87 -8.14 -7.31
C ARG A 302 -39.25 -7.09 -8.22
N LEU A 303 -38.06 -7.39 -8.74
CA LEU A 303 -37.39 -6.53 -9.72
C LEU A 303 -38.14 -6.48 -11.05
N ALA A 304 -38.77 -7.59 -11.41
CA ALA A 304 -39.60 -7.66 -12.61
C ALA A 304 -40.92 -6.89 -12.46
N MET A 305 -41.51 -6.94 -11.25
CA MET A 305 -42.75 -6.22 -10.94
C MET A 305 -42.54 -4.70 -10.96
N LEU A 306 -41.43 -4.25 -10.39
CA LEU A 306 -41.15 -2.82 -10.24
C LEU A 306 -40.61 -2.16 -11.50
N MET A 307 -40.18 -2.96 -12.46
CA MET A 307 -39.68 -2.44 -13.73
C MET A 307 -40.36 -3.15 -14.90
N PRO A 308 -41.66 -2.86 -15.12
CA PRO A 308 -42.46 -3.59 -16.13
C PRO A 308 -41.99 -3.34 -17.56
N GLU A 309 -41.47 -2.14 -17.83
CA GLU A 309 -40.99 -1.78 -19.16
C GLU A 309 -39.76 -2.58 -19.60
N ALA A 310 -39.09 -3.22 -18.63
CA ALA A 310 -37.83 -3.91 -18.90
C ALA A 310 -37.90 -5.42 -18.69
N ARG A 311 -37.09 -6.13 -19.47
CA ARG A 311 -36.89 -7.57 -19.30
C ARG A 311 -35.79 -7.82 -18.27
N VAL A 312 -36.17 -8.29 -17.08
CA VAL A 312 -35.20 -8.63 -16.03
C VAL A 312 -34.77 -10.09 -16.14
N ALA A 313 -33.49 -10.31 -16.42
CA ALA A 313 -32.93 -11.64 -16.61
C ALA A 313 -31.53 -11.79 -15.99
N SER A 314 -31.29 -12.96 -15.40
CA SER A 314 -29.97 -13.36 -14.94
C SER A 314 -28.96 -13.40 -16.09
N THR A 315 -27.70 -13.11 -15.78
CA THR A 315 -26.67 -12.97 -16.81
C THR A 315 -26.20 -14.30 -17.43
N ASP A 316 -26.58 -15.43 -16.83
CA ASP A 316 -26.18 -16.74 -17.35
C ASP A 316 -26.81 -17.04 -18.72
N GLU A 317 -27.99 -16.49 -18.97
CA GLU A 317 -28.60 -16.63 -20.29
C GLU A 317 -28.09 -15.56 -21.28
N TYR A 318 -26.92 -15.01 -20.99
CA TYR A 318 -26.14 -14.20 -21.92
C TYR A 318 -24.73 -14.77 -22.02
N GLY A 319 -24.55 -15.96 -21.43
CA GLY A 319 -23.27 -16.66 -21.47
C GLY A 319 -22.30 -16.41 -20.31
N ILE A 320 -22.66 -15.54 -19.38
CA ILE A 320 -21.76 -15.21 -18.26
C ILE A 320 -22.40 -15.64 -16.92
N PRO A 321 -21.76 -16.58 -16.21
CA PRO A 321 -22.31 -17.01 -14.91
C PRO A 321 -22.26 -15.85 -13.91
N PRO A 322 -23.40 -15.51 -13.30
CA PRO A 322 -23.58 -14.37 -12.40
C PRO A 322 -22.49 -14.24 -11.33
N ALA A 323 -22.02 -15.37 -10.80
CA ALA A 323 -21.10 -15.41 -9.68
C ALA A 323 -19.69 -15.01 -10.03
N TRP A 324 -19.35 -15.10 -11.32
CA TRP A 324 -17.97 -14.94 -11.76
C TRP A 324 -17.68 -13.65 -12.51
N MET A 325 -18.72 -12.87 -12.74
CA MET A 325 -18.63 -11.58 -13.42
C MET A 325 -17.59 -10.64 -12.82
N GLU A 326 -17.61 -10.48 -11.49
CA GLU A 326 -16.65 -9.62 -10.82
C GLU A 326 -15.21 -10.07 -10.95
N GLY A 327 -14.98 -11.36 -10.72
CA GLY A 327 -13.63 -11.91 -10.92
C GLY A 327 -13.11 -11.64 -12.32
N MET A 328 -13.98 -11.84 -13.32
CA MET A 328 -13.62 -11.59 -14.71
C MET A 328 -13.27 -10.12 -14.94
N ALA A 329 -14.05 -9.21 -14.36
CA ALA A 329 -13.78 -7.77 -14.46
C ALA A 329 -12.35 -7.44 -14.01
N PHE A 330 -11.90 -8.07 -12.94
CA PHE A 330 -10.58 -7.75 -12.40
C PHE A 330 -9.41 -8.36 -13.15
N ALA A 331 -9.61 -9.55 -13.70
CA ALA A 331 -8.67 -10.09 -14.68
C ALA A 331 -8.57 -9.17 -15.90
N TRP A 332 -9.71 -8.70 -16.36
CA TRP A 332 -9.78 -7.79 -17.52
C TRP A 332 -9.06 -6.48 -17.21
N LEU A 333 -9.23 -5.96 -15.99
CA LEU A 333 -8.53 -4.73 -15.58
C LEU A 333 -7.01 -4.88 -15.56
N ALA A 334 -6.52 -6.09 -15.33
CA ALA A 334 -5.09 -6.36 -15.43
C ALA A 334 -4.63 -6.26 -16.88
N HIS A 335 -5.49 -6.74 -17.79
CA HIS A 335 -5.20 -6.65 -19.21
C HIS A 335 -5.18 -5.18 -19.66
N ARG A 336 -6.13 -4.39 -19.14
CA ARG A 336 -6.24 -2.98 -19.48
C ARG A 336 -5.05 -2.18 -18.99
N PHE A 337 -4.60 -2.48 -17.77
CA PHE A 337 -3.40 -1.85 -17.23
C PHE A 337 -2.20 -2.09 -18.16
N LEU A 338 -1.96 -3.34 -18.51
CA LEU A 338 -0.77 -3.72 -19.28
C LEU A 338 -0.79 -3.16 -20.71
N GLU A 339 -1.99 -2.93 -21.24
CA GLU A 339 -2.17 -2.33 -22.55
C GLU A 339 -2.25 -0.79 -22.48
N ARG A 340 -2.18 -0.24 -21.27
CA ARG A 340 -2.33 1.19 -21.02
C ARG A 340 -3.64 1.76 -21.57
N LEU A 341 -4.73 1.11 -21.23
CA LEU A 341 -6.07 1.56 -21.57
C LEU A 341 -6.83 1.88 -20.29
N PRO A 342 -7.74 2.87 -20.35
CA PRO A 342 -8.50 3.31 -19.18
C PRO A 342 -9.37 2.21 -18.56
N GLY A 343 -9.55 2.26 -17.25
CA GLY A 343 -10.32 1.23 -16.54
C GLY A 343 -11.56 1.78 -15.85
N ASN A 344 -11.57 3.09 -15.60
CA ASN A 344 -12.71 3.74 -14.99
C ASN A 344 -13.65 4.32 -16.04
N CYS A 345 -14.85 4.68 -15.59
CA CYS A 345 -15.79 5.46 -16.38
C CYS A 345 -16.05 6.77 -15.64
N PRO A 346 -15.52 7.88 -16.18
CA PRO A 346 -15.67 9.18 -15.54
C PRO A 346 -17.11 9.55 -15.16
N ASP A 347 -18.10 9.18 -15.99
CA ASP A 347 -19.50 9.51 -15.69
C ASP A 347 -20.12 8.55 -14.65
N VAL A 348 -19.43 7.45 -14.37
CA VAL A 348 -19.79 6.55 -13.27
C VAL A 348 -19.23 7.10 -11.96
N THR A 349 -17.91 7.29 -11.91
CA THR A 349 -17.21 7.59 -10.65
C THR A 349 -17.15 9.09 -10.30
N GLY A 350 -17.33 9.93 -11.31
CA GLY A 350 -17.15 11.38 -11.14
C GLY A 350 -15.71 11.85 -11.27
N ALA A 351 -14.79 10.94 -11.60
CA ALA A 351 -13.37 11.29 -11.75
C ALA A 351 -13.22 12.35 -12.83
N LEU A 352 -12.12 13.10 -12.77
CA LEU A 352 -11.85 14.21 -13.68
C LEU A 352 -11.75 13.78 -15.14
N GLY A 353 -11.27 12.55 -15.37
CA GLY A 353 -11.23 11.99 -16.71
C GLY A 353 -10.95 10.50 -16.67
N PRO A 354 -10.72 9.89 -17.84
CA PRO A 354 -10.35 8.47 -17.91
C PRO A 354 -8.96 8.27 -17.30
N ARG A 355 -8.74 7.13 -16.67
CA ARG A 355 -7.45 6.84 -16.00
C ARG A 355 -7.07 5.38 -16.11
N THR A 356 -5.77 5.12 -16.29
CA THR A 356 -5.21 3.77 -16.14
C THR A 356 -5.25 3.41 -14.66
N LEU A 357 -5.99 2.36 -14.32
CA LEU A 357 -6.16 1.94 -12.92
C LEU A 357 -5.23 0.79 -12.56
N GLY A 358 -4.72 0.83 -11.33
CA GLY A 358 -3.91 -0.23 -10.76
C GLY A 358 -2.42 0.05 -10.70
N ALA A 359 -1.70 -0.88 -10.08
CA ALA A 359 -0.25 -0.84 -10.00
C ALA A 359 0.33 -2.22 -10.31
N LEU A 360 1.45 -2.26 -11.00
CA LEU A 360 2.08 -3.53 -11.39
C LEU A 360 3.17 -3.99 -10.42
N TYR A 361 3.03 -5.21 -9.91
CA TYR A 361 4.04 -5.87 -9.08
C TYR A 361 4.57 -7.10 -9.85
N PRO A 362 5.73 -6.96 -10.53
CA PRO A 362 6.26 -8.06 -11.33
C PRO A 362 6.69 -9.24 -10.47
N ALA A 363 6.49 -10.45 -10.99
CA ALA A 363 6.84 -11.69 -10.29
C ALA A 363 8.31 -11.77 -9.89
N PRO B 2 18.10 7.61 -19.46
CA PRO B 2 17.00 8.55 -19.27
C PRO B 2 17.13 9.34 -17.96
N ARG B 3 16.23 10.28 -17.72
CA ARG B 3 16.22 11.02 -16.46
C ARG B 3 15.23 10.44 -15.44
N TYR B 4 15.65 10.43 -14.18
CA TYR B 4 14.84 9.91 -13.09
C TYR B 4 14.83 10.85 -11.90
N LEU B 5 13.66 11.01 -11.31
CA LEU B 5 13.54 11.65 -10.01
C LEU B 5 13.63 10.62 -8.88
N GLY B 6 14.30 11.01 -7.79
CA GLY B 6 14.34 10.23 -6.57
C GLY B 6 13.69 11.02 -5.45
N LEU B 7 12.83 10.35 -4.68
CA LEU B 7 12.11 11.00 -3.58
C LEU B 7 12.28 10.25 -2.25
N MET B 8 12.93 10.91 -1.30
CA MET B 8 13.24 10.29 -0.01
C MET B 8 12.80 11.21 1.10
N SER B 9 12.22 10.61 2.13
CA SER B 9 11.91 11.31 3.36
C SER B 9 12.32 10.37 4.47
N GLY B 10 13.38 10.74 5.20
CA GLY B 10 14.01 9.84 6.16
C GLY B 10 13.50 9.93 7.58
N THR B 11 14.32 9.43 8.50
CA THR B 11 14.04 9.34 9.93
C THR B 11 13.87 10.68 10.65
N SER B 12 14.68 11.69 10.29
CA SER B 12 14.68 12.99 10.97
C SER B 12 13.40 13.78 10.80
N LEU B 13 12.75 13.60 9.66
CA LEU B 13 11.46 14.23 9.35
C LEU B 13 11.54 15.75 9.26
N ASP B 14 12.72 16.27 8.93
CA ASP B 14 12.89 17.70 8.74
C ASP B 14 12.27 18.10 7.40
N GLY B 15 12.42 17.22 6.41
CA GLY B 15 11.83 17.45 5.10
C GLY B 15 12.18 16.42 4.06
N MET B 16 11.70 16.68 2.85
CA MET B 16 11.82 15.76 1.73
C MET B 16 13.06 16.03 0.89
N ASP B 17 13.77 14.96 0.57
CA ASP B 17 14.87 15.04 -0.38
C ASP B 17 14.33 14.70 -1.74
N ILE B 18 14.63 15.57 -2.71
CA ILE B 18 14.26 15.30 -4.09
C ILE B 18 15.47 15.49 -4.97
N VAL B 19 15.62 14.56 -5.90
CA VAL B 19 16.83 14.41 -6.67
C VAL B 19 16.50 14.17 -8.15
N LEU B 20 17.25 14.81 -9.05
CA LEU B 20 17.20 14.48 -10.46
C LEU B 20 18.52 13.85 -10.85
N ILE B 21 18.45 12.67 -11.49
CA ILE B 21 19.65 11.98 -11.97
C ILE B 21 19.59 11.70 -13.46
N GLU B 22 20.77 11.62 -14.07
CA GLU B 22 20.95 11.16 -15.44
C GLU B 22 21.49 9.74 -15.35
N GLN B 23 20.81 8.80 -15.99
CA GLN B 23 21.21 7.40 -15.91
C GLN B 23 21.42 6.78 -17.29
N GLY B 24 22.68 6.50 -17.61
CA GLY B 24 23.04 5.73 -18.79
C GLY B 24 23.96 4.61 -18.33
N ASP B 25 25.22 4.70 -18.73
CA ASP B 25 26.26 3.78 -18.29
C ASP B 25 26.59 4.03 -16.82
N ARG B 26 26.34 5.25 -16.37
CA ARG B 26 26.64 5.68 -15.00
C ARG B 26 25.53 6.56 -14.42
N THR B 27 25.68 6.92 -13.14
CA THR B 27 24.73 7.78 -12.46
C THR B 27 25.33 9.18 -12.28
N THR B 28 24.63 10.19 -12.78
CA THR B 28 25.02 11.59 -12.59
C THR B 28 23.91 12.39 -11.89
N LEU B 29 24.26 13.00 -10.77
CA LEU B 29 23.35 13.94 -10.10
C LEU B 29 23.23 15.22 -10.93
N LEU B 30 22.03 15.49 -11.42
CA LEU B 30 21.76 16.70 -12.21
C LEU B 30 21.26 17.85 -11.36
N ALA B 31 20.49 17.53 -10.32
CA ALA B 31 19.87 18.55 -9.48
C ALA B 31 19.29 17.95 -8.21
N SER B 32 19.17 18.77 -7.19
CA SER B 32 18.62 18.36 -5.91
C SER B 32 17.80 19.49 -5.33
N HIS B 33 16.77 19.12 -4.57
CA HIS B 33 15.86 20.08 -3.98
C HIS B 33 15.38 19.55 -2.64
N TYR B 34 15.44 20.41 -1.62
CA TYR B 34 14.96 20.09 -0.28
C TYR B 34 13.72 20.93 0.03
N LEU B 35 12.70 20.30 0.58
CA LEU B 35 11.52 21.03 1.03
C LEU B 35 11.23 20.66 2.49
N PRO B 36 11.26 21.65 3.39
CA PRO B 36 10.95 21.40 4.80
C PRO B 36 9.55 20.84 4.99
N MET B 37 9.41 19.99 5.99
CA MET B 37 8.13 19.42 6.39
C MET B 37 7.63 20.28 7.55
N PRO B 38 6.34 20.70 7.51
CA PRO B 38 5.77 21.47 8.61
C PRO B 38 5.78 20.68 9.93
N ALA B 39 5.83 21.40 11.04
CA ALA B 39 5.80 20.79 12.38
C ALA B 39 4.62 19.83 12.58
N GLY B 40 3.44 20.27 12.14
CA GLY B 40 2.22 19.47 12.19
C GLY B 40 2.32 18.10 11.55
N LEU B 41 2.88 18.05 10.33
CA LEU B 41 3.03 16.79 9.58
C LEU B 41 4.06 15.86 10.20
N ARG B 42 5.19 16.44 10.61
CA ARG B 42 6.22 15.70 11.31
C ARG B 42 5.68 15.01 12.56
N GLU B 43 4.98 15.78 13.40
CA GLU B 43 4.40 15.23 14.63
C GLU B 43 3.32 14.18 14.36
N ASP B 44 2.53 14.39 13.30
CA ASP B 44 1.50 13.44 12.89
C ASP B 44 2.08 12.12 12.36
N ILE B 45 3.20 12.21 11.63
CA ILE B 45 3.96 11.04 11.20
C ILE B 45 4.53 10.28 12.41
N LEU B 46 5.20 10.99 13.31
CA LEU B 46 5.73 10.40 14.54
C LEU B 46 4.66 9.70 15.37
N ALA B 47 3.46 10.28 15.43
CA ALA B 47 2.35 9.69 16.16
C ALA B 47 1.91 8.36 15.53
N LEU B 48 2.13 8.20 14.23
CA LEU B 48 1.90 6.91 13.55
C LEU B 48 3.05 5.91 13.67
N CYS B 49 4.15 6.32 14.28
CA CYS B 49 5.31 5.45 14.40
C CYS B 49 5.21 4.49 15.59
N VAL B 50 4.21 4.72 16.45
CA VAL B 50 3.87 3.80 17.55
C VAL B 50 2.42 3.35 17.38
N PRO B 51 2.06 2.18 17.97
CA PRO B 51 0.65 1.75 17.90
C PRO B 51 -0.32 2.77 18.50
N GLY B 52 -1.47 2.97 17.85
CA GLY B 52 -2.44 3.98 18.28
C GLY B 52 -3.83 3.73 17.69
N PRO B 53 -4.81 4.56 18.10
CA PRO B 53 -6.17 4.40 17.61
C PRO B 53 -6.36 4.90 16.17
N ASP B 54 -7.35 4.33 15.48
CA ASP B 54 -7.86 4.88 14.22
C ASP B 54 -6.73 5.12 13.18
N GLU B 55 -5.78 4.19 13.11
CA GLU B 55 -4.58 4.34 12.29
C GLU B 55 -4.80 4.32 10.77
N ILE B 56 -5.77 3.55 10.30
CA ILE B 56 -6.07 3.46 8.86
C ILE B 56 -6.49 4.84 8.33
N ALA B 57 -7.49 5.46 8.95
CA ALA B 57 -7.96 6.77 8.52
C ALA B 57 -6.88 7.82 8.76
N ARG B 58 -6.25 7.80 9.94
CA ARG B 58 -5.18 8.76 10.25
C ARG B 58 -4.04 8.69 9.25
N ALA B 59 -3.63 7.48 8.87
CA ALA B 59 -2.56 7.32 7.90
C ALA B 59 -2.98 7.76 6.50
N ALA B 60 -4.23 7.48 6.14
CA ALA B 60 -4.77 7.90 4.82
C ALA B 60 -4.76 9.41 4.66
N GLU B 61 -5.12 10.12 5.73
CA GLU B 61 -5.13 11.59 5.71
C GLU B 61 -3.71 12.20 5.78
N VAL B 62 -2.83 11.64 6.61
CA VAL B 62 -1.41 12.07 6.68
C VAL B 62 -0.70 11.89 5.33
N GLU B 63 -0.99 10.77 4.69
CA GLU B 63 -0.40 10.39 3.40
C GLU B 63 -0.76 11.36 2.26
N GLN B 64 -2.00 11.86 2.28
CA GLN B 64 -2.46 12.92 1.36
C GLN B 64 -1.61 14.17 1.40
N ARG B 65 -1.30 14.61 2.62
CA ARG B 65 -0.56 15.84 2.86
C ARG B 65 0.88 15.62 2.47
N TRP B 66 1.38 14.44 2.80
CA TRP B 66 2.75 14.05 2.45
C TRP B 66 2.91 14.07 0.93
N VAL B 67 1.98 13.44 0.22
CA VAL B 67 2.03 13.39 -1.26
C VAL B 67 1.86 14.76 -1.93
N ALA B 68 0.94 15.57 -1.41
CA ALA B 68 0.76 16.93 -1.89
C ALA B 68 2.04 17.75 -1.73
N LEU B 69 2.72 17.58 -0.58
CA LEU B 69 4.02 18.22 -0.37
C LEU B 69 5.08 17.72 -1.35
N ALA B 70 5.13 16.41 -1.59
CA ALA B 70 6.09 15.84 -2.54
C ALA B 70 5.84 16.34 -3.97
N ALA B 71 4.58 16.31 -4.41
CA ALA B 71 4.22 16.82 -5.73
C ALA B 71 4.61 18.29 -5.87
N GLN B 72 4.34 19.08 -4.83
CA GLN B 72 4.78 20.49 -4.77
C GLN B 72 6.29 20.62 -4.96
N GLY B 73 7.05 19.77 -4.27
CA GLY B 73 8.51 19.78 -4.37
C GLY B 73 9.04 19.35 -5.72
N VAL B 74 8.37 18.37 -6.34
CA VAL B 74 8.72 17.98 -7.71
C VAL B 74 8.46 19.13 -8.70
N ARG B 75 7.33 19.82 -8.54
CA ARG B 75 6.99 20.98 -9.39
C ARG B 75 8.09 22.03 -9.29
N GLU B 76 8.47 22.36 -8.05
CA GLU B 76 9.49 23.37 -7.78
C GLU B 76 10.84 23.01 -8.40
N LEU B 77 11.28 21.75 -8.25
CA LEU B 77 12.56 21.31 -8.84
C LEU B 77 12.57 21.49 -10.35
N LEU B 78 11.53 21.00 -11.02
CA LEU B 78 11.46 21.00 -12.49
C LEU B 78 11.40 22.42 -13.07
N LEU B 79 10.63 23.29 -12.45
CA LEU B 79 10.57 24.71 -12.82
C LEU B 79 11.94 25.36 -12.67
N GLN B 80 12.60 25.09 -11.53
CA GLN B 80 13.90 25.69 -11.25
C GLN B 80 15.00 25.15 -12.16
N GLN B 81 14.78 23.96 -12.71
CA GLN B 81 15.72 23.33 -13.65
C GLN B 81 15.33 23.54 -15.11
N GLN B 82 14.19 24.23 -15.32
CA GLN B 82 13.66 24.55 -16.65
C GLN B 82 13.36 23.33 -17.51
N MET B 83 12.73 22.32 -16.90
CA MET B 83 12.31 21.14 -17.65
C MET B 83 10.90 20.72 -17.31
N SER B 84 10.22 20.12 -18.28
CA SER B 84 8.84 19.69 -18.10
C SER B 84 8.79 18.27 -17.56
N PRO B 85 7.68 17.91 -16.89
CA PRO B 85 7.45 16.55 -16.39
C PRO B 85 7.70 15.44 -17.43
N ASP B 86 7.50 15.75 -18.71
CA ASP B 86 7.65 14.76 -19.80
C ASP B 86 9.08 14.33 -20.04
N GLU B 87 10.04 15.10 -19.53
CA GLU B 87 11.45 14.80 -19.74
C GLU B 87 11.99 13.81 -18.71
N VAL B 88 11.17 13.48 -17.73
CA VAL B 88 11.52 12.51 -16.67
C VAL B 88 10.80 11.20 -16.95
N ARG B 89 11.55 10.10 -16.96
CA ARG B 89 10.97 8.78 -17.20
C ARG B 89 10.12 8.27 -16.02
N ALA B 90 10.61 8.48 -14.79
CA ALA B 90 9.89 8.00 -13.59
C ALA B 90 10.41 8.64 -12.30
N ILE B 91 9.55 8.65 -11.28
CA ILE B 91 9.92 9.03 -9.91
C ILE B 91 10.06 7.74 -9.10
N GLY B 92 11.23 7.57 -8.50
CA GLY B 92 11.47 6.52 -7.53
C GLY B 92 11.16 7.07 -6.15
N SER B 93 10.04 6.63 -5.58
CA SER B 93 9.59 7.14 -4.30
C SER B 93 9.70 6.09 -3.18
N HIS B 94 10.47 6.38 -2.14
CA HIS B 94 10.53 5.49 -0.97
C HIS B 94 9.22 5.52 -0.20
N GLY B 95 8.57 6.67 -0.18
CA GLY B 95 7.49 6.93 0.75
C GLY B 95 8.02 7.27 2.13
N GLN B 96 7.25 6.91 3.15
CA GLN B 96 7.61 7.25 4.51
C GLN B 96 7.36 6.07 5.43
N THR B 97 8.43 5.58 6.06
CA THR B 97 8.35 4.45 6.98
C THR B 97 7.62 4.87 8.25
N ILE B 98 6.48 4.25 8.54
CA ILE B 98 5.83 4.49 9.84
C ILE B 98 5.88 3.28 10.77
N ARG B 99 6.35 2.15 10.24
CA ARG B 99 6.50 0.92 11.01
C ARG B 99 7.41 -0.03 10.24
N HIS B 100 8.37 -0.61 10.95
CA HIS B 100 9.30 -1.55 10.37
C HIS B 100 9.42 -2.73 11.32
N GLU B 101 8.81 -3.86 10.94
CA GLU B 101 8.79 -5.04 11.80
C GLU B 101 9.21 -6.30 11.04
N PRO B 102 10.46 -6.33 10.55
CA PRO B 102 10.89 -7.47 9.73
C PRO B 102 10.70 -8.82 10.44
N ALA B 103 10.81 -8.83 11.76
CA ALA B 103 10.61 -10.06 12.54
C ALA B 103 9.15 -10.55 12.51
N ARG B 104 8.21 -9.63 12.26
CA ARG B 104 6.82 -9.99 12.02
C ARG B 104 6.48 -10.00 10.53
N HIS B 105 7.52 -9.99 9.69
CA HIS B 105 7.38 -10.09 8.23
C HIS B 105 6.58 -8.96 7.60
N PHE B 106 6.73 -7.74 8.12
CA PHE B 106 6.09 -6.59 7.47
C PHE B 106 6.87 -5.30 7.66
N THR B 107 6.71 -4.41 6.68
CA THR B 107 7.24 -3.06 6.77
C THR B 107 6.25 -2.09 6.09
N VAL B 108 6.02 -0.94 6.71
CA VAL B 108 4.98 -0.02 6.25
C VAL B 108 5.56 1.34 5.83
N GLN B 109 5.61 1.57 4.51
CA GLN B 109 5.92 2.88 3.96
C GLN B 109 4.60 3.45 3.41
N ILE B 110 4.26 4.66 3.80
CA ILE B 110 3.06 5.30 3.25
C ILE B 110 3.50 6.34 2.22
N GLY B 111 2.53 6.91 1.49
CA GLY B 111 2.80 7.85 0.41
C GLY B 111 2.10 7.61 -0.92
N ASN B 112 0.83 7.24 -0.83
CA ASN B 112 -0.12 7.01 -1.95
C ASN B 112 0.47 7.29 -3.33
N PRO B 113 1.13 6.29 -3.93
CA PRO B 113 1.81 6.48 -5.21
C PRO B 113 0.90 6.81 -6.40
N ALA B 114 -0.36 6.38 -6.34
CA ALA B 114 -1.34 6.71 -7.37
C ALA B 114 -1.69 8.19 -7.33
N LEU B 115 -1.82 8.76 -6.13
CA LEU B 115 -1.98 10.20 -5.99
C LEU B 115 -0.73 10.94 -6.45
N LEU B 116 0.45 10.38 -6.17
CA LEU B 116 1.70 11.00 -6.59
C LEU B 116 1.82 11.08 -8.12
N ALA B 117 1.41 10.02 -8.82
CA ALA B 117 1.44 10.02 -10.29
C ALA B 117 0.40 10.98 -10.85
N GLU B 118 -0.79 10.97 -10.25
CA GLU B 118 -1.86 11.90 -10.57
C GLU B 118 -1.41 13.37 -10.47
N LEU B 119 -0.75 13.73 -9.37
CA LEU B 119 -0.35 15.13 -9.15
C LEU B 119 0.89 15.58 -9.94
N THR B 120 1.85 14.66 -10.14
CA THR B 120 3.07 15.00 -10.88
C THR B 120 2.93 14.84 -12.40
N GLY B 121 2.05 13.93 -12.82
CA GLY B 121 1.93 13.58 -14.23
C GLY B 121 3.12 12.76 -14.72
N ILE B 122 3.89 12.24 -13.76
CA ILE B 122 5.03 11.35 -14.04
C ILE B 122 4.78 9.96 -13.43
N ASP B 123 5.14 8.91 -14.18
CA ASP B 123 5.17 7.54 -13.68
C ASP B 123 5.91 7.44 -12.34
N VAL B 124 5.32 6.70 -11.41
CA VAL B 124 5.90 6.52 -10.08
C VAL B 124 6.23 5.04 -9.82
N VAL B 125 7.47 4.76 -9.42
CA VAL B 125 7.84 3.46 -8.89
C VAL B 125 8.02 3.64 -7.37
N ALA B 126 7.35 2.81 -6.59
CA ALA B 126 7.32 2.99 -5.13
C ALA B 126 7.24 1.65 -4.41
N ASP B 127 7.14 1.69 -3.07
CA ASP B 127 6.99 0.49 -2.26
C ASP B 127 8.09 -0.55 -2.51
N PHE B 128 9.33 -0.11 -2.41
CA PHE B 128 10.48 -0.95 -2.76
C PHE B 128 10.82 -2.06 -1.75
N ARG B 129 10.41 -1.89 -0.48
CA ARG B 129 10.87 -2.76 0.60
C ARG B 129 10.07 -4.06 0.72
N ARG B 130 8.82 -4.02 0.28
CA ARG B 130 7.87 -5.10 0.55
C ARG B 130 8.21 -6.44 -0.11
N ARG B 131 8.70 -6.39 -1.34
CA ARG B 131 9.02 -7.63 -2.04
C ARG B 131 10.22 -8.35 -1.41
N ASP B 132 11.15 -7.60 -0.86
CA ASP B 132 12.28 -8.19 -0.14
C ASP B 132 11.82 -8.86 1.16
N VAL B 133 10.95 -8.18 1.91
CA VAL B 133 10.36 -8.76 3.12
C VAL B 133 9.56 -10.01 2.74
N ALA B 134 8.80 -9.92 1.66
CA ALA B 134 8.02 -11.03 1.13
C ALA B 134 8.89 -12.24 0.78
N ALA B 135 10.12 -11.97 0.35
CA ALA B 135 11.10 -13.01 0.05
C ALA B 135 11.92 -13.43 1.28
N GLY B 136 11.47 -13.03 2.48
CA GLY B 136 12.11 -13.45 3.73
C GLY B 136 13.20 -12.51 4.23
N GLY B 137 13.41 -11.42 3.52
CA GLY B 137 14.47 -10.48 3.86
C GLY B 137 14.06 -9.41 4.88
N GLN B 138 15.06 -8.65 5.32
CA GLN B 138 14.88 -7.53 6.24
C GLN B 138 14.14 -6.33 5.63
N GLY B 139 14.18 -6.19 4.30
CA GLY B 139 13.63 -5.03 3.59
C GLY B 139 14.49 -3.76 3.73
N ALA B 140 15.59 -3.88 4.46
CA ALA B 140 16.54 -2.80 4.74
C ALA B 140 17.92 -3.38 5.08
N PRO B 141 19.00 -2.64 4.78
CA PRO B 141 19.05 -1.41 3.97
C PRO B 141 18.94 -1.74 2.49
N LEU B 142 18.50 -0.76 1.71
CA LEU B 142 18.30 -0.93 0.27
C LEU B 142 19.33 -0.24 -0.61
N VAL B 143 20.10 0.67 -0.04
CA VAL B 143 21.17 1.33 -0.79
C VAL B 143 22.34 0.44 -1.29
N PRO B 144 22.63 -0.70 -0.62
CA PRO B 144 23.83 -1.47 -0.99
C PRO B 144 24.06 -1.68 -2.49
N ALA B 145 23.04 -2.13 -3.21
CA ALA B 145 23.16 -2.36 -4.64
C ALA B 145 23.59 -1.09 -5.37
N PHE B 146 23.06 0.06 -4.92
CA PHE B 146 23.43 1.35 -5.51
C PHE B 146 24.86 1.72 -5.15
N HIS B 147 25.21 1.62 -3.87
CA HIS B 147 26.59 1.80 -3.42
C HIS B 147 27.55 0.92 -4.22
N GLN B 148 27.10 -0.29 -4.55
CA GLN B 148 27.88 -1.22 -5.35
C GLN B 148 28.06 -0.70 -6.78
N ALA B 149 26.98 -0.19 -7.38
CA ALA B 149 27.05 0.39 -8.73
C ALA B 149 28.01 1.58 -8.80
N LEU B 150 28.09 2.35 -7.72
CA LEU B 150 28.93 3.56 -7.69
C LEU B 150 30.38 3.28 -7.31
N PHE B 151 30.60 2.42 -6.32
CA PHE B 151 31.90 2.32 -5.67
C PHE B 151 32.55 0.94 -5.68
N GLY B 152 31.95 -0.02 -6.37
CA GLY B 152 32.51 -1.38 -6.47
C GLY B 152 33.83 -1.41 -7.23
N ASP B 153 34.88 -1.87 -6.55
CA ASP B 153 36.25 -1.87 -7.09
C ASP B 153 37.02 -3.10 -6.61
N ASP B 154 37.58 -3.85 -7.55
CA ASP B 154 38.21 -5.14 -7.26
C ASP B 154 39.67 -5.04 -6.79
N ASP B 155 40.14 -3.83 -6.59
CA ASP B 155 41.48 -3.61 -6.06
C ASP B 155 41.48 -3.50 -4.54
N THR B 156 40.43 -2.89 -4.01
CA THR B 156 40.38 -2.49 -2.59
C THR B 156 39.03 -2.81 -1.95
N SER B 157 39.09 -3.33 -0.71
CA SER B 157 37.87 -3.56 0.05
C SER B 157 37.46 -2.27 0.76
N ARG B 158 36.21 -1.89 0.57
CA ARG B 158 35.69 -0.63 1.10
C ARG B 158 34.31 -0.81 1.70
N ALA B 159 34.00 0.06 2.66
CA ALA B 159 32.69 0.10 3.28
C ALA B 159 32.07 1.45 2.96
N VAL B 160 30.81 1.42 2.52
CA VAL B 160 30.09 2.66 2.26
C VAL B 160 29.08 2.82 3.39
N LEU B 161 29.30 3.85 4.20
CA LEU B 161 28.56 4.03 5.43
C LEU B 161 27.63 5.25 5.39
N ASN B 162 26.33 5.00 5.58
CA ASN B 162 25.36 6.07 5.75
C ASN B 162 25.14 6.38 7.22
N ILE B 163 25.30 7.65 7.59
CA ILE B 163 24.94 8.09 8.93
C ILE B 163 23.79 9.09 8.81
N GLY B 164 22.57 8.60 8.98
CA GLY B 164 21.37 9.44 9.06
C GLY B 164 20.83 9.33 10.47
N GLY B 165 19.51 9.40 10.61
CA GLY B 165 18.87 9.11 11.89
C GLY B 165 19.38 7.78 12.40
N PHE B 166 19.36 6.79 11.51
CA PHE B 166 19.98 5.48 11.72
C PHE B 166 21.21 5.28 10.84
N SER B 167 22.13 4.41 11.28
CA SER B 167 23.34 4.11 10.52
C SER B 167 23.20 2.79 9.81
N ASN B 168 23.77 2.71 8.61
CA ASN B 168 23.83 1.45 7.88
C ASN B 168 25.06 1.40 6.99
N VAL B 169 25.57 0.19 6.76
CA VAL B 169 26.82 0.03 6.00
C VAL B 169 26.68 -0.96 4.83
N SER B 170 27.38 -0.67 3.74
CA SER B 170 27.49 -1.56 2.59
C SER B 170 28.95 -2.02 2.47
N LEU B 171 29.14 -3.34 2.55
CA LEU B 171 30.50 -3.89 2.53
C LEU B 171 30.80 -4.46 1.17
N LEU B 172 31.70 -3.78 0.46
CA LEU B 172 32.04 -4.10 -0.93
C LEU B 172 33.40 -4.79 -0.97
N SER B 173 33.36 -6.11 -0.83
CA SER B 173 34.56 -6.93 -0.83
C SER B 173 34.75 -7.54 -2.21
N PRO B 174 35.95 -7.36 -2.80
CA PRO B 174 36.18 -7.85 -4.16
C PRO B 174 35.97 -9.37 -4.27
N GLY B 175 35.36 -9.79 -5.39
CA GLY B 175 35.11 -11.22 -5.65
C GLY B 175 34.05 -11.89 -4.78
N LYS B 176 33.52 -11.15 -3.79
CA LYS B 176 32.51 -11.66 -2.87
C LYS B 176 31.18 -10.89 -2.99
N PRO B 177 30.04 -11.56 -2.70
CA PRO B 177 28.73 -10.91 -2.70
C PRO B 177 28.67 -9.71 -1.75
N VAL B 178 27.90 -8.69 -2.15
CA VAL B 178 27.69 -7.49 -1.34
C VAL B 178 27.02 -7.85 -0.03
N ARG B 179 27.54 -7.31 1.05
CA ARG B 179 26.94 -7.51 2.37
C ARG B 179 26.60 -6.16 3.00
N GLY B 180 25.89 -6.19 4.13
CA GLY B 180 25.51 -4.96 4.81
C GLY B 180 24.32 -5.13 5.73
N PHE B 181 24.03 -4.07 6.49
CA PHE B 181 23.05 -4.11 7.58
C PHE B 181 22.93 -2.72 8.22
N ASP B 182 21.94 -2.53 9.08
CA ASP B 182 21.91 -1.35 9.96
C ASP B 182 22.90 -1.60 11.08
N CYS B 183 23.62 -0.57 11.51
CA CYS B 183 24.56 -0.67 12.62
C CYS B 183 23.90 -0.29 13.92
N GLY B 184 22.88 0.55 13.81
CA GLY B 184 22.18 1.09 14.97
C GLY B 184 21.92 2.56 14.81
N PRO B 185 21.74 3.27 15.94
CA PRO B 185 21.40 4.69 15.86
C PRO B 185 22.54 5.51 15.28
N GLY B 186 22.19 6.47 14.43
CA GLY B 186 23.17 7.40 13.89
C GLY B 186 23.02 8.70 14.65
N ASN B 187 22.19 9.59 14.11
CA ASN B 187 21.89 10.88 14.73
C ASN B 187 20.61 10.87 15.58
N VAL B 188 19.79 9.84 15.44
CA VAL B 188 18.46 9.83 16.06
C VAL B 188 18.47 10.12 17.58
N LEU B 189 19.36 9.48 18.33
CA LEU B 189 19.41 9.68 19.79
C LEU B 189 20.03 11.03 20.19
N MET B 190 21.12 11.39 19.53
CA MET B 190 21.74 12.69 19.75
C MET B 190 20.79 13.84 19.44
N ASP B 191 20.02 13.72 18.37
CA ASP B 191 19.00 14.72 18.00
C ASP B 191 17.91 14.78 19.07
N ALA B 192 17.43 13.61 19.49
CA ALA B 192 16.33 13.54 20.45
C ALA B 192 16.73 14.07 21.82
N TRP B 193 17.98 13.81 22.22
CA TRP B 193 18.48 14.28 23.51
C TRP B 193 18.64 15.80 23.57
N ILE B 194 19.26 16.38 22.55
CA ILE B 194 19.45 17.83 22.48
C ILE B 194 18.14 18.59 22.24
N HIS B 195 17.20 17.96 21.54
CA HIS B 195 15.89 18.55 21.33
C HIS B 195 15.11 18.57 22.66
N HIS B 196 15.25 17.50 23.43
CA HIS B 196 14.56 17.38 24.71
C HIS B 196 15.13 18.35 25.76
N GLN B 197 16.44 18.49 25.79
CA GLN B 197 17.10 19.32 26.79
C GLN B 197 17.17 20.80 26.39
N ARG B 198 17.56 21.07 25.15
CA ARG B 198 17.88 22.43 24.73
C ARG B 198 16.99 23.02 23.65
N GLY B 199 16.06 22.21 23.14
CA GLY B 199 15.08 22.69 22.17
C GLY B 199 15.58 22.76 20.74
N GLU B 200 16.85 22.41 20.51
CA GLU B 200 17.41 22.42 19.16
C GLU B 200 17.27 21.08 18.44
N HIS B 201 17.07 21.14 17.12
CA HIS B 201 16.77 19.92 16.33
C HIS B 201 17.95 18.96 16.21
N PHE B 202 19.16 19.52 16.16
CA PHE B 202 20.39 18.73 16.05
C PHE B 202 21.58 19.39 16.75
N ASP B 203 22.62 18.61 16.98
CA ASP B 203 23.83 19.08 17.65
C ASP B 203 24.86 19.48 16.60
N ARG B 204 24.87 20.78 16.27
CA ARG B 204 25.74 21.36 15.24
C ARG B 204 27.22 20.98 15.38
N ASP B 205 27.73 20.26 14.39
CA ASP B 205 29.14 19.77 14.36
C ASP B 205 29.52 18.81 15.50
N GLY B 206 28.53 18.38 16.29
CA GLY B 206 28.76 17.54 17.46
C GLY B 206 29.40 18.32 18.61
N ALA B 207 29.15 19.63 18.65
CA ALA B 207 29.79 20.54 19.58
C ALA B 207 29.34 20.38 21.04
N TRP B 208 28.03 20.24 21.27
CA TRP B 208 27.53 19.95 22.62
C TRP B 208 28.10 18.62 23.11
N ALA B 209 28.14 17.62 22.22
CA ALA B 209 28.73 16.32 22.55
C ALA B 209 30.23 16.46 22.89
N ALA B 210 30.93 17.29 22.13
CA ALA B 210 32.38 17.48 22.31
C ALA B 210 32.69 18.25 23.60
N SER B 211 31.66 18.90 24.17
CA SER B 211 31.80 19.67 25.40
C SER B 211 31.59 18.82 26.66
N GLY B 212 31.13 17.58 26.49
CA GLY B 212 30.89 16.69 27.62
C GLY B 212 31.88 15.54 27.71
N GLN B 213 31.71 14.71 28.73
CA GLN B 213 32.60 13.57 28.97
C GLN B 213 31.84 12.27 28.77
N VAL B 214 32.38 11.39 27.93
CA VAL B 214 31.84 10.04 27.78
C VAL B 214 31.76 9.35 29.15
N ASN B 215 30.57 8.82 29.46
CA ASN B 215 30.39 8.02 30.66
C ASN B 215 30.46 6.54 30.30
N HIS B 216 31.53 5.91 30.76
CA HIS B 216 31.86 4.53 30.42
C HIS B 216 30.81 3.51 30.88
N ALA B 217 30.22 3.75 32.04
CA ALA B 217 29.20 2.85 32.60
C ALA B 217 27.95 2.84 31.72
N LEU B 218 27.44 4.04 31.42
CA LEU B 218 26.30 4.18 30.50
C LEU B 218 26.59 3.61 29.11
N LEU B 219 27.77 3.91 28.57
CA LEU B 219 28.20 3.43 27.26
C LEU B 219 28.13 1.90 27.15
N ALA B 220 28.67 1.22 28.15
CA ALA B 220 28.72 -0.25 28.17
C ALA B 220 27.32 -0.85 28.22
N SER B 221 26.45 -0.27 29.04
CA SER B 221 25.07 -0.77 29.16
C SER B 221 24.24 -0.52 27.89
N LEU B 222 24.53 0.57 27.19
CA LEU B 222 23.84 0.85 25.92
C LEU B 222 24.33 -0.10 24.82
N LEU B 223 25.64 -0.38 24.79
CA LEU B 223 26.22 -1.33 23.85
C LEU B 223 25.84 -2.79 24.17
N ALA B 224 25.26 -3.00 25.34
CA ALA B 224 24.81 -4.33 25.76
C ALA B 224 23.46 -4.71 25.13
N ASP B 225 22.82 -3.78 24.45
CA ASP B 225 21.55 -4.08 23.78
C ASP B 225 21.78 -5.21 22.78
N GLU B 226 20.89 -6.20 22.82
CA GLU B 226 21.01 -7.40 22.00
C GLU B 226 21.24 -7.13 20.52
N PHE B 227 20.73 -5.99 20.02
CA PHE B 227 20.87 -5.66 18.59
C PHE B 227 22.32 -5.51 18.16
N PHE B 228 23.15 -4.95 19.04
CA PHE B 228 24.55 -4.68 18.72
C PHE B 228 25.36 -5.97 18.64
N ALA B 229 24.89 -6.99 19.35
CA ALA B 229 25.55 -8.29 19.38
C ALA B 229 25.25 -9.14 18.14
N ALA B 230 24.09 -8.94 17.52
CA ALA B 230 23.69 -9.75 16.37
C ALA B 230 24.55 -9.43 15.14
N ARG B 231 24.67 -10.41 14.25
CA ARG B 231 25.56 -10.32 13.09
C ARG B 231 24.83 -10.82 11.86
N GLY B 232 25.38 -10.55 10.68
CA GLY B 232 24.69 -10.85 9.42
C GLY B 232 23.54 -9.87 9.20
N PRO B 233 22.60 -10.21 8.31
CA PRO B 233 21.44 -9.35 8.02
C PRO B 233 20.69 -8.89 9.27
N LYS B 234 20.54 -7.58 9.43
CA LYS B 234 19.77 -7.00 10.52
C LYS B 234 19.37 -5.57 10.19
N SER B 235 18.16 -5.20 10.59
CA SER B 235 17.64 -3.86 10.37
C SER B 235 16.96 -3.39 11.64
N THR B 236 16.85 -2.08 11.82
CA THR B 236 16.24 -1.56 13.03
C THR B 236 15.46 -0.28 12.72
N GLY B 237 15.04 0.43 13.75
CA GLY B 237 14.25 1.66 13.58
C GLY B 237 13.82 2.25 14.91
N ARG B 238 12.77 3.08 14.87
CA ARG B 238 12.29 3.81 16.05
C ARG B 238 11.71 2.88 17.11
N GLU B 239 11.33 1.69 16.68
CA GLU B 239 10.79 0.68 17.58
C GLU B 239 11.78 0.27 18.69
N ARG B 240 13.06 0.20 18.33
CA ARG B 240 14.10 -0.17 19.30
C ARG B 240 14.77 1.07 19.90
N PHE B 241 15.39 1.90 19.06
CA PHE B 241 16.13 3.06 19.55
C PHE B 241 15.31 4.34 19.53
N ASN B 242 14.99 4.82 20.73
CA ASN B 242 14.16 6.00 20.95
C ASN B 242 14.52 6.63 22.30
N LEU B 243 13.83 7.72 22.65
CA LEU B 243 14.10 8.44 23.88
C LEU B 243 13.67 7.67 25.15
N PRO B 244 12.48 7.02 25.12
CA PRO B 244 12.15 6.18 26.29
C PRO B 244 13.17 5.05 26.54
N TRP B 245 13.68 4.45 25.47
CA TRP B 245 14.75 3.45 25.56
C TRP B 245 15.99 3.98 26.31
N LEU B 246 16.45 5.17 25.94
CA LEU B 246 17.60 5.79 26.59
C LEU B 246 17.33 6.08 28.07
N GLN B 247 16.17 6.65 28.37
CA GLN B 247 15.82 7.04 29.75
C GLN B 247 15.62 5.88 30.73
N GLU B 248 15.35 4.68 30.19
CA GLU B 248 15.27 3.45 30.98
C GLU B 248 16.67 3.07 31.48
N HIS B 249 17.67 3.19 30.61
CA HIS B 249 19.07 2.99 30.99
C HIS B 249 19.55 4.07 31.97
N LEU B 250 18.96 5.25 31.85
CA LEU B 250 19.29 6.39 32.72
C LEU B 250 18.65 6.34 34.12
N ALA B 251 17.46 5.76 34.23
CA ALA B 251 16.70 5.79 35.49
C ALA B 251 17.22 4.81 36.55
N ARG B 252 18.29 4.09 36.23
CA ARG B 252 18.85 3.10 37.13
C ARG B 252 19.97 3.71 37.97
N HIS B 253 20.31 4.96 37.67
CA HIS B 253 21.51 5.60 38.23
C HIS B 253 21.31 7.09 38.47
N PRO B 254 22.04 7.64 39.47
CA PRO B 254 21.94 9.07 39.80
C PRO B 254 22.10 9.98 38.57
N ALA B 255 21.38 11.09 38.60
CA ALA B 255 21.35 12.06 37.50
C ALA B 255 22.74 12.49 37.05
N LEU B 256 22.96 12.34 35.75
CA LEU B 256 24.23 12.60 35.10
C LEU B 256 24.10 13.93 34.36
N PRO B 257 25.23 14.66 34.14
CA PRO B 257 25.16 15.90 33.35
C PRO B 257 24.72 15.64 31.90
N ALA B 258 23.80 16.48 31.42
CA ALA B 258 23.16 16.31 30.10
C ALA B 258 24.16 16.24 28.94
N ALA B 259 25.21 17.06 29.00
CA ALA B 259 26.27 17.05 27.98
C ALA B 259 27.09 15.77 27.97
N ASP B 260 27.16 15.11 29.12
CA ASP B 260 27.88 13.83 29.27
C ASP B 260 27.08 12.69 28.65
N ILE B 261 25.75 12.77 28.79
CA ILE B 261 24.85 11.83 28.12
C ILE B 261 24.99 12.01 26.60
N GLN B 262 25.07 13.27 26.16
CA GLN B 262 25.27 13.57 24.74
C GLN B 262 26.58 12.98 24.22
N ALA B 263 27.67 13.19 24.97
CA ALA B 263 28.99 12.66 24.60
C ALA B 263 28.98 11.15 24.49
N THR B 264 28.24 10.51 25.38
CA THR B 264 28.13 9.06 25.42
C THR B 264 27.42 8.55 24.18
N LEU B 265 26.33 9.22 23.83
CA LEU B 265 25.53 8.89 22.65
C LEU B 265 26.32 9.01 21.36
N LEU B 266 27.20 10.00 21.28
CA LEU B 266 28.10 10.12 20.12
C LEU B 266 28.99 8.89 20.03
N GLU B 267 29.55 8.48 21.17
CA GLU B 267 30.44 7.32 21.26
C GLU B 267 29.70 6.02 20.96
N LEU B 268 28.46 5.90 21.41
CA LEU B 268 27.62 4.75 21.09
C LEU B 268 27.54 4.55 19.59
N SER B 269 27.28 5.63 18.85
CA SER B 269 27.23 5.60 17.39
C SER B 269 28.59 5.25 16.77
N ALA B 270 29.65 5.91 17.24
CA ALA B 270 31.01 5.62 16.77
C ALA B 270 31.37 4.14 16.98
N ARG B 271 31.19 3.65 18.20
CA ARG B 271 31.56 2.29 18.59
C ARG B 271 30.73 1.21 17.91
N SER B 272 29.41 1.40 17.88
CA SER B 272 28.52 0.43 17.26
C SER B 272 28.78 0.31 15.75
N ILE B 273 29.03 1.44 15.09
CA ILE B 273 29.44 1.42 13.68
C ILE B 273 30.78 0.68 13.51
N SER B 274 31.81 1.14 14.24
CA SER B 274 33.17 0.61 14.12
C SER B 274 33.23 -0.90 14.35
N GLU B 275 32.70 -1.34 15.48
CA GLU B 275 32.72 -2.74 15.87
C GLU B 275 31.93 -3.65 14.92
N SER B 276 30.78 -3.19 14.42
CA SER B 276 29.99 -4.00 13.50
C SER B 276 30.60 -4.05 12.10
N LEU B 277 31.19 -2.92 11.68
CA LEU B 277 31.87 -2.83 10.40
C LEU B 277 33.11 -3.73 10.42
N LEU B 278 33.96 -3.55 11.43
CA LEU B 278 35.23 -4.30 11.54
C LEU B 278 35.00 -5.80 11.77
N ASP B 279 33.92 -6.15 12.46
CA ASP B 279 33.53 -7.56 12.61
C ASP B 279 33.27 -8.21 11.27
N ALA B 280 32.67 -7.47 10.34
CA ALA B 280 32.25 -8.03 9.05
C ALA B 280 33.29 -7.89 7.94
N GLN B 281 34.08 -6.82 7.99
CA GLN B 281 35.10 -6.55 6.99
C GLN B 281 36.39 -6.06 7.67
N PRO B 282 37.11 -6.97 8.36
CA PRO B 282 38.33 -6.56 9.06
C PRO B 282 39.42 -6.00 8.15
N ASP B 283 39.42 -6.42 6.87
CA ASP B 283 40.41 -5.97 5.89
C ASP B 283 40.04 -4.63 5.24
N CYS B 284 39.07 -3.92 5.82
CA CYS B 284 38.59 -2.65 5.30
C CYS B 284 39.70 -1.60 5.16
N GLU B 285 39.83 -1.02 3.97
CA GLU B 285 40.86 -0.02 3.70
C GLU B 285 40.29 1.40 3.54
N GLU B 286 39.03 1.49 3.13
CA GLU B 286 38.37 2.78 2.90
C GLU B 286 36.93 2.75 3.42
N VAL B 287 36.58 3.76 4.21
CA VAL B 287 35.19 3.96 4.66
C VAL B 287 34.64 5.26 4.06
N LEU B 288 33.70 5.13 3.14
CA LEU B 288 33.12 6.27 2.42
C LEU B 288 31.80 6.65 3.10
N VAL B 289 31.76 7.85 3.65
CA VAL B 289 30.66 8.25 4.54
C VAL B 289 29.65 9.18 3.85
N CYS B 290 28.37 8.80 3.93
CA CYS B 290 27.28 9.63 3.44
C CYS B 290 26.21 9.84 4.53
N GLY B 291 25.17 10.60 4.20
CA GLY B 291 24.21 11.08 5.18
C GLY B 291 24.72 12.28 5.96
N GLY B 292 23.84 12.89 6.76
CA GLY B 292 24.18 14.04 7.59
C GLY B 292 25.39 13.84 8.49
N GLY B 293 25.55 12.61 9.01
CA GLY B 293 26.67 12.29 9.91
C GLY B 293 28.06 12.56 9.36
N ALA B 294 28.18 12.60 8.04
CA ALA B 294 29.44 12.86 7.35
C ALA B 294 30.03 14.24 7.68
N PHE B 295 29.17 15.18 8.09
CA PHE B 295 29.62 16.51 8.45
C PHE B 295 29.65 16.72 9.96
N ASN B 296 29.47 15.64 10.71
CA ASN B 296 29.66 15.67 12.15
C ASN B 296 31.15 15.44 12.43
N THR B 297 31.87 16.55 12.65
CA THR B 297 33.32 16.57 12.82
C THR B 297 33.82 15.60 13.91
N ALA B 298 33.26 15.72 15.10
CA ALA B 298 33.64 14.88 16.24
C ALA B 298 33.38 13.39 15.98
N LEU B 299 32.31 13.08 15.24
CA LEU B 299 31.99 11.70 14.89
C LEU B 299 32.96 11.18 13.81
N MET B 300 33.20 11.99 12.78
CA MET B 300 34.15 11.61 11.71
C MET B 300 35.56 11.40 12.26
N LYS B 301 35.92 12.15 13.30
CA LYS B 301 37.20 11.97 14.00
C LYS B 301 37.21 10.69 14.82
N ARG B 302 36.15 10.45 15.60
CA ARG B 302 36.03 9.22 16.40
C ARG B 302 36.02 7.95 15.55
N LEU B 303 35.38 8.02 14.37
CA LEU B 303 35.39 6.91 13.41
C LEU B 303 36.78 6.63 12.87
N ALA B 304 37.56 7.70 12.71
CA ALA B 304 38.95 7.57 12.26
C ALA B 304 39.84 6.93 13.34
N MET B 305 39.61 7.30 14.61
CA MET B 305 40.35 6.73 15.75
C MET B 305 40.08 5.24 15.95
N LEU B 306 38.82 4.85 15.78
CA LEU B 306 38.39 3.47 16.06
C LEU B 306 38.64 2.51 14.90
N MET B 307 38.93 3.05 13.73
CA MET B 307 39.27 2.24 12.57
C MET B 307 40.60 2.70 11.93
N PRO B 308 41.73 2.45 12.62
CA PRO B 308 43.02 3.00 12.18
C PRO B 308 43.52 2.41 10.87
N GLU B 309 43.13 1.16 10.59
CA GLU B 309 43.53 0.47 9.35
C GLU B 309 42.88 1.06 8.11
N ALA B 310 41.82 1.85 8.29
CA ALA B 310 41.06 2.38 7.17
C ALA B 310 41.12 3.90 7.04
N ARG B 311 40.94 4.36 5.81
CA ARG B 311 40.81 5.78 5.50
C ARG B 311 39.34 6.18 5.58
N VAL B 312 38.98 6.94 6.61
CA VAL B 312 37.60 7.43 6.79
C VAL B 312 37.43 8.80 6.13
N ALA B 313 36.61 8.83 5.08
CA ALA B 313 36.38 10.06 4.31
C ALA B 313 34.93 10.23 3.89
N SER B 314 34.48 11.48 3.91
CA SER B 314 33.18 11.88 3.39
C SER B 314 33.03 11.56 1.90
N THR B 315 31.81 11.26 1.46
CA THR B 315 31.59 10.84 0.08
C THR B 315 31.72 11.98 -0.96
N ASP B 316 31.73 13.23 -0.52
CA ASP B 316 31.86 14.38 -1.43
C ASP B 316 33.20 14.40 -2.16
N GLU B 317 34.26 13.91 -1.51
CA GLU B 317 35.55 13.80 -2.20
C GLU B 317 35.66 12.51 -3.04
N TYR B 318 34.50 11.95 -3.39
CA TYR B 318 34.38 10.90 -4.40
C TYR B 318 33.34 11.32 -5.43
N GLY B 319 32.91 12.58 -5.35
CA GLY B 319 31.99 13.14 -6.33
C GLY B 319 30.51 13.09 -5.97
N ILE B 320 30.17 12.50 -4.84
CA ILE B 320 28.76 12.35 -4.44
C ILE B 320 28.48 13.11 -3.15
N PRO B 321 27.62 14.15 -3.21
CA PRO B 321 27.29 14.88 -1.97
C PRO B 321 26.58 13.97 -0.97
N PRO B 322 27.12 13.88 0.26
CA PRO B 322 26.61 12.98 1.30
C PRO B 322 25.10 12.99 1.49
N ALA B 323 24.47 14.18 1.36
CA ALA B 323 23.06 14.38 1.67
C ALA B 323 22.11 13.84 0.62
N TRP B 324 22.62 13.63 -0.60
CA TRP B 324 21.80 13.28 -1.73
C TRP B 324 21.93 11.83 -2.19
N MET B 325 22.82 11.09 -1.54
CA MET B 325 23.06 9.67 -1.84
C MET B 325 21.81 8.79 -1.80
N GLU B 326 20.98 8.97 -0.77
CA GLU B 326 19.74 8.18 -0.63
C GLU B 326 18.70 8.50 -1.69
N GLY B 327 18.49 9.79 -1.95
CA GLY B 327 17.60 10.20 -3.04
C GLY B 327 18.01 9.60 -4.38
N MET B 328 19.31 9.64 -4.65
CA MET B 328 19.87 9.05 -5.86
C MET B 328 19.64 7.55 -5.94
N ALA B 329 19.80 6.85 -4.81
CA ALA B 329 19.54 5.41 -4.74
C ALA B 329 18.13 5.07 -5.17
N PHE B 330 17.16 5.91 -4.79
CA PHE B 330 15.77 5.59 -5.08
C PHE B 330 15.35 5.92 -6.50
N ALA B 331 15.92 6.98 -7.06
CA ALA B 331 15.81 7.23 -8.48
C ALA B 331 16.40 6.06 -9.28
N TRP B 332 17.56 5.57 -8.83
CA TRP B 332 18.25 4.44 -9.48
C TRP B 332 17.44 3.16 -9.40
N LEU B 333 16.77 2.94 -8.25
CA LEU B 333 15.86 1.80 -8.09
C LEU B 333 14.65 1.83 -9.05
N ALA B 334 14.21 3.02 -9.41
CA ALA B 334 13.14 3.16 -10.40
C ALA B 334 13.62 2.72 -11.78
N HIS B 335 14.86 3.09 -12.10
CA HIS B 335 15.53 2.63 -13.32
C HIS B 335 15.66 1.11 -13.35
N ARG B 336 16.04 0.52 -12.20
CA ARG B 336 16.23 -0.93 -12.06
C ARG B 336 14.93 -1.68 -12.22
N PHE B 337 13.84 -1.14 -11.68
CA PHE B 337 12.53 -1.74 -11.82
C PHE B 337 12.15 -1.82 -13.30
N LEU B 338 12.28 -0.69 -14.01
CA LEU B 338 11.83 -0.57 -15.39
C LEU B 338 12.66 -1.43 -16.34
N GLU B 339 13.91 -1.68 -15.97
CA GLU B 339 14.81 -2.54 -16.74
C GLU B 339 14.71 -4.01 -16.30
N ARG B 340 13.83 -4.30 -15.34
CA ARG B 340 13.72 -5.65 -14.74
C ARG B 340 15.05 -6.20 -14.23
N LEU B 341 15.72 -5.40 -13.42
CA LEU B 341 16.97 -5.80 -12.80
C LEU B 341 16.80 -5.77 -11.28
N PRO B 342 17.47 -6.70 -10.57
CA PRO B 342 17.35 -6.80 -9.11
C PRO B 342 17.75 -5.53 -8.36
N GLY B 343 17.05 -5.26 -7.26
CA GLY B 343 17.31 -4.08 -6.43
C GLY B 343 17.89 -4.37 -5.06
N ASN B 344 17.66 -5.59 -4.56
CA ASN B 344 18.16 -6.01 -3.27
C ASN B 344 19.47 -6.76 -3.39
N CYS B 345 20.13 -6.95 -2.26
CA CYS B 345 21.31 -7.80 -2.14
C CYS B 345 20.95 -8.87 -1.13
N PRO B 346 20.79 -10.11 -1.59
CA PRO B 346 20.41 -11.23 -0.72
C PRO B 346 21.30 -11.39 0.52
N ASP B 347 22.61 -11.15 0.40
CA ASP B 347 23.51 -11.30 1.55
C ASP B 347 23.47 -10.10 2.49
N VAL B 348 22.84 -9.00 2.04
CA VAL B 348 22.52 -7.86 2.91
C VAL B 348 21.25 -8.15 3.72
N THR B 349 20.14 -8.42 3.02
CA THR B 349 18.82 -8.48 3.64
C THR B 349 18.44 -9.87 4.18
N GLY B 350 19.15 -10.90 3.69
CA GLY B 350 18.81 -12.28 4.01
C GLY B 350 17.65 -12.84 3.18
N ALA B 351 17.22 -12.11 2.15
CA ALA B 351 16.14 -12.57 1.26
C ALA B 351 16.58 -13.86 0.56
N LEU B 352 15.59 -14.65 0.10
CA LEU B 352 15.87 -15.96 -0.51
C LEU B 352 16.73 -15.87 -1.77
N GLY B 353 16.53 -14.81 -2.56
CA GLY B 353 17.39 -14.54 -3.70
C GLY B 353 17.24 -13.09 -4.15
N PRO B 354 17.82 -12.77 -5.32
CA PRO B 354 17.66 -11.43 -5.91
C PRO B 354 16.21 -11.21 -6.34
N ARG B 355 15.74 -9.97 -6.22
CA ARG B 355 14.35 -9.63 -6.56
C ARG B 355 14.26 -8.25 -7.19
N THR B 356 13.34 -8.11 -8.15
CA THR B 356 12.89 -6.82 -8.65
C THR B 356 12.05 -6.14 -7.58
N LEU B 357 12.52 -5.00 -7.10
CA LEU B 357 11.85 -4.26 -6.05
C LEU B 357 10.96 -3.15 -6.58
N GLY B 358 9.83 -2.96 -5.91
CA GLY B 358 8.92 -1.86 -6.19
C GLY B 358 7.68 -2.23 -6.98
N ALA B 359 6.84 -1.23 -7.20
CA ALA B 359 5.60 -1.36 -7.97
C ALA B 359 5.45 -0.15 -8.86
N LEU B 360 4.85 -0.33 -10.02
CA LEU B 360 4.71 0.76 -11.00
C LEU B 360 3.30 1.36 -11.03
N TYR B 361 3.22 2.66 -10.73
CA TYR B 361 2.00 3.44 -10.89
C TYR B 361 2.15 4.42 -12.07
N PRO B 362 1.64 4.05 -13.27
CA PRO B 362 1.77 4.91 -14.45
C PRO B 362 1.01 6.22 -14.31
N ALA B 363 1.60 7.30 -14.83
CA ALA B 363 0.97 8.64 -14.83
C ALA B 363 -0.41 8.64 -15.47
C1 AH0 C . -19.01 -3.23 -3.21
C2 AH0 C . -17.63 -2.76 -3.79
N2 AH0 C . -17.14 -1.52 -3.21
C7 AH0 C . -15.97 -1.39 -2.57
O7 AH0 C . -15.24 -2.39 -2.46
C8 AH0 C . -15.51 -0.03 -2.01
C3 AH0 C . -17.66 -2.56 -5.35
O3 AH0 C . -17.19 -3.72 -5.98
C4 AH0 C . -19.09 -2.12 -5.80
O4 AH0 C . -19.14 -0.70 -5.62
C5 AH0 C . -20.22 -2.78 -4.96
O5 AH0 C . -20.10 -2.37 -3.59
C6 AH0 C . -20.26 -4.28 -4.87
O6 AH0 C . -19.38 -4.51 -3.76
CA AH0 C . -17.38 -4.03 -7.39
CB AH0 C . -16.55 -5.27 -7.76
C AH0 C . -17.04 -2.90 -8.33
O AH0 C . -17.55 -2.87 -9.46
OXT AH0 C . -16.22 -1.91 -7.99
S SO4 D . -20.20 -10.17 -2.47
O1 SO4 D . -20.55 -8.76 -2.56
O2 SO4 D . -21.38 -11.00 -2.67
O3 SO4 D . -19.18 -10.47 -3.46
O4 SO4 D . -19.68 -10.46 -1.13
C1 AH0 E . 16.58 3.69 7.97
C2 AH0 E . 15.84 3.04 6.74
N2 AH0 E . 14.92 1.96 7.14
C7 AH0 E . 13.61 1.92 6.97
O7 AH0 E . 13.03 2.86 6.42
C8 AH0 E . 12.78 0.71 7.44
C3 AH0 E . 16.88 2.54 5.66
O3 AH0 E . 17.00 3.58 4.75
C4 AH0 E . 18.23 2.09 6.30
O4 AH0 E . 18.11 0.69 6.63
C5 AH0 E . 18.60 2.93 7.57
O5 AH0 E . 17.57 2.84 8.56
C6 AH0 E . 18.74 4.41 7.41
O6 AH0 E . 17.36 4.81 7.51
CA AH0 E . 18.03 3.64 3.72
CB AH0 E . 17.61 4.73 2.74
C AH0 E . 18.21 2.35 2.97
O AH0 E . 19.41 2.10 2.46
OXT AH0 E . 17.28 1.53 2.78
S SO4 F . 17.66 10.93 8.07
O1 SO4 F . 16.38 11.36 7.52
O2 SO4 F . 17.84 9.49 7.92
O3 SO4 F . 18.73 11.62 7.37
O4 SO4 F . 17.64 11.30 9.50
#